data_4FYR
#
_entry.id   4FYR
#
_cell.length_a   158.068
_cell.length_b   158.068
_cell.length_c   114.809
_cell.angle_alpha   90.00
_cell.angle_beta   90.00
_cell.angle_gamma   120.00
#
_symmetry.space_group_name_H-M   'P 64'
#
loop_
_entity.id
_entity.type
_entity.pdbx_description
1 polymer 'Aminopeptidase N'
2 branched beta-D-mannopyranose-(1-4)-2-acetamido-2-deoxy-beta-D-glucopyranose-(1-4)-2-acetamido-2-deoxy-beta-D-glucopyranose
3 branched 2-acetamido-2-deoxy-beta-D-glucopyranose-(1-4)-2-acetamido-2-deoxy-beta-D-glucopyranose
4 non-polymer 2-acetamido-2-deoxy-beta-D-glucopyranose
5 non-polymer 'ZINC ION'
6 non-polymer '2-(3-AMINO-2-HYDROXY-4-PHENYL-BUTYRYLAMINO)-4-METHYL-PENTANOIC ACID'
7 non-polymer 'SULFATE ION'
8 non-polymer 'ACETIC ACID'
9 water water
#
_entity_poly.entity_id   1
_entity_poly.type   'polypeptide(L)'
_entity_poly.pdbx_seq_one_letter_code
;PDQSKAWNRYRLPNTLKPDSYRVTLRPYLTPNDRGLYVFKGSSTVRFTCKEATDVIIIHSKKLNYTLSQGHRVVLRGVGG
SQPPDIDKTELVEPTEYLVVHLKGSLVKDSQYEMDSEFEGELADDLAGFYRSEYMEGNVRKVVATTQMQAADARKSFPCF
DEPAMKAEFNITLIHPKDLTALSNMLPKGPSTPLPEDPNWNVTEFHTTPKMSTYLLAFIVSEFDYVEKQASNGVLIRIWA
RPSAIAAGHGDYALNVTGPILNFFAGHYDTPYPLPKSDQIGLPDFNAGAMENWGLVTYRENSLLFDPLSSSSSNKERVVT
VIAHELAHQWFGNLVTIEWWNDLWLNEGFASYVEYLGADYAEPTWNLKDLMVLNDVYRVMAVDALASSHPLSTPASEINT
PAQISELFDAISYSKGASVLRMLSSFLSEDVFKQGLASYLHTFAYQNTIYLNLWDHLQEAVNNRSIQLPTTVRDIMNRWT
LQMGFPVITVDTSTGTLSQEHFLLDPDSNVTRPSEFNYVWIVPITSIRDGRQQQDYWLIDVRAQNDLFSTSGNEWVLLNL
NVTGYYRVNYDEENWRKIQTQLQRDHSAIPVINRAQIINDAFNLASAHKVPVTLALNNTLFLIEERQYMPWEAALSSLSY
FKLMFDRSEVYGPMKNYLKKQVTPLFIHFRNNTNNWREIPENLMDQYSEVNAISTACSNGVPECEEMVSGLFKQWMENPN
NNPIHPNLRSTVYCNAIAQGGEEEWDFAWEQFRNATLVNEADKLRAALACSKELWILNRYLSYTLNPDLIRKQDATSTII
SITNNVIGQGLVWDFVQSNWKKLFNDYGGGSFSFSNLIQAVTRRFSTEYELQQLEQFKKDNEETGFGSGTRALEQALEKT
KANIKWVKENKEVVLQWFTENSK
;
_entity_poly.pdbx_strand_id   A
#
# COMPACT_ATOMS: atom_id res chain seq x y z
N PRO A 1 11.01 -12.50 -29.33
CA PRO A 1 11.86 -13.68 -29.16
C PRO A 1 11.06 -14.96 -29.35
N ASP A 2 11.74 -16.04 -29.76
CA ASP A 2 11.10 -17.32 -30.06
C ASP A 2 10.46 -17.94 -28.81
N GLN A 3 9.12 -17.88 -28.77
CA GLN A 3 8.32 -18.39 -27.64
C GLN A 3 8.39 -19.91 -27.47
N SER A 4 8.96 -20.61 -28.45
CA SER A 4 9.03 -22.06 -28.34
C SER A 4 10.16 -22.48 -27.39
N LYS A 5 11.12 -21.58 -27.13
CA LYS A 5 12.25 -21.87 -26.23
C LYS A 5 11.90 -21.48 -24.80
N ALA A 6 12.12 -22.41 -23.87
CA ALA A 6 11.74 -22.18 -22.46
C ALA A 6 12.45 -20.95 -21.87
N TRP A 7 13.68 -20.67 -22.30
CA TRP A 7 14.41 -19.51 -21.78
C TRP A 7 13.85 -18.16 -22.26
N ASN A 8 12.88 -18.19 -23.17
CA ASN A 8 12.18 -16.97 -23.61
C ASN A 8 10.79 -16.82 -23.01
N ARG A 9 10.46 -17.73 -22.10
CA ARG A 9 9.17 -17.66 -21.41
C ARG A 9 9.39 -17.19 -19.98
N TYR A 10 8.46 -16.41 -19.45
CA TYR A 10 8.66 -15.74 -18.14
C TYR A 10 8.56 -16.61 -16.89
N ARG A 11 7.77 -17.68 -16.94
CA ARG A 11 7.69 -18.58 -15.79
C ARG A 11 8.77 -19.66 -15.87
N LEU A 12 9.39 -19.98 -14.73
CA LEU A 12 10.40 -21.04 -14.70
C LEU A 12 9.81 -22.37 -15.16
N PRO A 13 10.65 -23.25 -15.75
CA PRO A 13 10.16 -24.63 -16.05
C PRO A 13 9.79 -25.33 -14.74
N ASN A 14 8.98 -26.38 -14.82
CA ASN A 14 8.71 -27.19 -13.61
C ASN A 14 9.70 -28.37 -13.49
N THR A 15 10.73 -28.37 -14.32
CA THR A 15 11.68 -29.49 -14.41
C THR A 15 12.68 -29.56 -13.25
N LEU A 16 12.95 -28.42 -12.62
CA LEU A 16 13.94 -28.33 -11.56
C LEU A 16 13.35 -27.63 -10.34
N LYS A 17 13.71 -28.10 -9.16
CA LYS A 17 13.21 -27.52 -7.92
C LYS A 17 14.31 -27.50 -6.86
N PRO A 18 14.67 -26.29 -6.38
CA PRO A 18 15.74 -26.18 -5.38
C PRO A 18 15.40 -26.77 -4.03
N ASP A 19 16.45 -27.21 -3.35
CA ASP A 19 16.36 -27.72 -1.99
C ASP A 19 16.97 -26.76 -1.00
N SER A 20 18.23 -26.35 -1.21
CA SER A 20 18.87 -25.39 -0.31
C SER A 20 19.99 -24.65 -1.05
N TYR A 21 20.45 -23.56 -0.44
CA TYR A 21 21.48 -22.71 -1.06
C TYR A 21 22.43 -22.29 0.03
N ARG A 22 23.70 -22.09 -0.34
CA ARG A 22 24.58 -21.27 0.48
C ARG A 22 24.97 -20.09 -0.39
N VAL A 23 25.09 -18.93 0.22
CA VAL A 23 25.40 -17.69 -0.49
C VAL A 23 26.39 -16.93 0.37
N THR A 24 27.49 -16.49 -0.23
CA THR A 24 28.44 -15.58 0.45
C THR A 24 28.43 -14.25 -0.33
N LEU A 25 28.21 -13.14 0.38
CA LEU A 25 28.20 -11.83 -0.26
C LEU A 25 29.15 -10.90 0.46
N ARG A 26 29.83 -10.07 -0.33
CA ARG A 26 30.83 -9.15 0.23
C ARG A 26 30.60 -7.76 -0.40
N PRO A 27 29.92 -6.87 0.33
CA PRO A 27 29.73 -5.55 -0.25
C PRO A 27 31.00 -4.68 -0.05
N TYR A 28 31.34 -3.87 -1.05
CA TYR A 28 32.44 -2.88 -0.91
C TYR A 28 31.84 -1.48 -0.74
N LEU A 29 31.95 -0.95 0.47
CA LEU A 29 31.26 0.28 0.85
C LEU A 29 32.07 1.54 0.56
N THR A 30 33.18 1.39 -0.14
CA THR A 30 33.90 2.53 -0.71
C THR A 30 34.01 2.30 -2.21
N PRO A 31 33.98 3.39 -3.01
CA PRO A 31 34.00 3.24 -4.47
C PRO A 31 35.31 2.65 -4.97
N ASN A 32 35.26 1.95 -6.10
CA ASN A 32 36.49 1.51 -6.73
C ASN A 32 37.06 2.64 -7.60
N ASP A 33 38.09 2.32 -8.39
CA ASP A 33 38.75 3.28 -9.30
C ASP A 33 37.78 3.87 -10.29
N ARG A 34 36.89 3.01 -10.80
CA ARG A 34 35.82 3.43 -11.72
C ARG A 34 34.74 4.27 -11.02
N GLY A 35 34.80 4.37 -9.69
CA GLY A 35 33.79 5.14 -8.94
C GLY A 35 32.53 4.35 -8.61
N LEU A 36 32.60 3.03 -8.83
CA LEU A 36 31.48 2.12 -8.63
C LEU A 36 31.53 1.46 -7.26
N TYR A 37 30.37 1.32 -6.64
CA TYR A 37 30.23 0.52 -5.45
C TYR A 37 29.82 -0.87 -5.94
N VAL A 38 30.54 -1.90 -5.51
CA VAL A 38 30.28 -3.26 -6.02
C VAL A 38 30.08 -4.23 -4.85
N PHE A 39 29.45 -5.37 -5.13
CA PHE A 39 29.53 -6.50 -4.19
C PHE A 39 30.05 -7.74 -4.93
N LYS A 40 30.78 -8.59 -4.22
CA LYS A 40 31.26 -9.82 -4.83
C LYS A 40 30.63 -10.96 -4.08
N GLY A 41 30.25 -12.01 -4.80
CA GLY A 41 29.64 -13.14 -4.11
C GLY A 41 29.89 -14.49 -4.73
N SER A 42 29.51 -15.53 -4.00
CA SER A 42 29.50 -16.90 -4.51
C SER A 42 28.23 -17.57 -4.00
N SER A 43 27.85 -18.67 -4.67
CA SER A 43 26.70 -19.45 -4.25
C SER A 43 26.83 -20.90 -4.75
N THR A 44 26.26 -21.81 -3.97
CA THR A 44 25.99 -23.16 -4.41
C THR A 44 24.51 -23.40 -4.19
N VAL A 45 23.80 -23.83 -5.23
CA VAL A 45 22.40 -24.25 -5.07
C VAL A 45 22.35 -25.78 -5.25
N ARG A 46 21.70 -26.46 -4.32
CA ARG A 46 21.39 -27.90 -4.44
C ARG A 46 19.93 -27.99 -4.88
N PHE A 47 19.67 -28.76 -5.94
CA PHE A 47 18.34 -28.83 -6.50
C PHE A 47 18.06 -30.25 -6.97
N THR A 48 16.76 -30.54 -7.15
CA THR A 48 16.30 -31.85 -7.57
C THR A 48 15.73 -31.73 -8.99
N CYS A 49 16.14 -32.64 -9.85
CA CYS A 49 15.53 -32.73 -11.17
C CYS A 49 14.21 -33.48 -11.02
N LYS A 50 13.12 -32.83 -11.42
CA LYS A 50 11.77 -33.39 -11.33
C LYS A 50 11.34 -34.05 -12.63
N GLU A 51 11.87 -33.55 -13.75
N GLU A 51 11.93 -33.57 -13.73
CA GLU A 51 11.68 -34.17 -15.06
CA GLU A 51 11.70 -34.10 -15.08
C GLU A 51 12.97 -33.97 -15.86
C GLU A 51 12.98 -33.95 -15.88
N ALA A 52 13.39 -35.02 -16.56
CA ALA A 52 14.64 -35.01 -17.36
C ALA A 52 14.70 -33.79 -18.26
N THR A 53 15.84 -33.11 -18.23
CA THR A 53 16.03 -31.91 -19.04
C THR A 53 17.53 -31.70 -19.30
N ASP A 54 17.85 -31.11 -20.45
CA ASP A 54 19.24 -30.79 -20.82
C ASP A 54 19.59 -29.30 -20.65
N VAL A 55 18.82 -28.59 -19.83
CA VAL A 55 19.07 -27.16 -19.58
C VAL A 55 18.69 -26.81 -18.12
N ILE A 56 19.52 -25.96 -17.51
CA ILE A 56 19.25 -25.42 -16.21
C ILE A 56 18.91 -23.94 -16.47
N ILE A 57 17.66 -23.59 -16.21
CA ILE A 57 17.16 -22.22 -16.33
C ILE A 57 16.98 -21.66 -14.92
N ILE A 58 17.75 -20.63 -14.58
CA ILE A 58 17.75 -20.06 -13.23
C ILE A 58 17.78 -18.52 -13.40
N HIS A 59 17.16 -17.79 -12.46
CA HIS A 59 17.10 -16.32 -12.59
C HIS A 59 18.44 -15.67 -12.26
N SER A 60 18.76 -14.62 -13.01
CA SER A 60 19.98 -13.84 -12.78
C SER A 60 19.74 -12.46 -13.43
N LYS A 61 20.02 -11.40 -12.70
CA LYS A 61 19.74 -10.03 -13.16
C LYS A 61 20.96 -9.19 -12.80
N LYS A 62 21.59 -8.58 -13.81
CA LYS A 62 22.70 -7.62 -13.55
C LYS A 62 23.86 -8.21 -12.74
N LEU A 63 24.13 -9.49 -12.97
CA LEU A 63 25.28 -10.14 -12.38
C LEU A 63 26.27 -10.52 -13.48
N ASN A 64 27.55 -10.32 -13.16
CA ASN A 64 28.66 -10.69 -14.02
C ASN A 64 29.34 -11.90 -13.41
N TYR A 65 29.60 -12.92 -14.22
CA TYR A 65 30.18 -14.17 -13.71
C TYR A 65 31.67 -14.31 -13.94
N THR A 66 32.38 -14.78 -12.91
CA THR A 66 33.79 -15.19 -13.03
C THR A 66 33.85 -16.64 -13.53
N LEU A 67 34.51 -16.84 -14.67
CA LEU A 67 34.66 -18.18 -15.24
C LEU A 67 35.32 -19.14 -14.25
N SER A 68 34.80 -20.35 -14.20
CA SER A 68 35.37 -21.41 -13.38
C SER A 68 35.30 -22.71 -14.20
N GLN A 69 36.45 -23.37 -14.32
CA GLN A 69 36.56 -24.62 -15.09
C GLN A 69 35.97 -24.48 -16.49
N GLY A 70 36.16 -23.29 -17.08
CA GLY A 70 35.82 -23.04 -18.47
C GLY A 70 34.42 -22.52 -18.77
N HIS A 71 33.60 -22.33 -17.72
CA HIS A 71 32.23 -21.85 -17.93
C HIS A 71 31.77 -20.90 -16.81
N ARG A 72 30.59 -20.29 -17.01
CA ARG A 72 30.02 -19.35 -16.02
C ARG A 72 29.68 -20.00 -14.67
N VAL A 73 29.43 -21.31 -14.71
CA VAL A 73 29.12 -22.07 -13.49
C VAL A 73 29.78 -23.45 -13.56
N VAL A 74 29.82 -24.13 -12.43
CA VAL A 74 30.28 -25.52 -12.33
C VAL A 74 29.08 -26.34 -11.84
N LEU A 75 28.84 -27.48 -12.50
CA LEU A 75 27.74 -28.38 -12.17
C LEU A 75 28.31 -29.69 -11.62
N ARG A 76 27.89 -30.06 -10.41
CA ARG A 76 28.40 -31.24 -9.69
C ARG A 76 27.27 -32.21 -9.33
N GLY A 77 27.61 -33.49 -9.16
CA GLY A 77 26.63 -34.48 -8.70
C GLY A 77 26.42 -34.43 -7.21
N VAL A 78 25.31 -35.04 -6.77
CA VAL A 78 24.99 -35.25 -5.36
C VAL A 78 24.49 -36.69 -5.21
N GLY A 79 24.89 -37.34 -4.12
CA GLY A 79 24.41 -38.69 -3.80
C GLY A 79 24.73 -39.66 -4.91
N GLY A 80 25.86 -39.42 -5.58
CA GLY A 80 26.30 -40.28 -6.68
C GLY A 80 25.78 -39.97 -8.07
N SER A 81 24.92 -38.96 -8.23
CA SER A 81 24.48 -38.58 -9.58
C SER A 81 25.70 -38.13 -10.39
N GLN A 82 25.61 -38.23 -11.71
CA GLN A 82 26.72 -37.92 -12.61
C GLN A 82 26.25 -36.99 -13.72
N PRO A 83 26.28 -35.67 -13.45
CA PRO A 83 25.75 -34.72 -14.41
C PRO A 83 26.52 -34.65 -15.72
N PRO A 84 25.82 -34.30 -16.81
CA PRO A 84 26.48 -34.05 -18.07
C PRO A 84 27.46 -32.88 -17.96
N ASP A 85 28.37 -32.80 -18.93
CA ASP A 85 29.23 -31.63 -19.07
C ASP A 85 28.39 -30.43 -19.54
N ILE A 86 28.87 -29.24 -19.19
CA ILE A 86 28.27 -28.01 -19.70
C ILE A 86 28.75 -27.75 -21.13
N ASP A 87 27.81 -27.45 -22.02
CA ASP A 87 28.17 -27.01 -23.37
C ASP A 87 28.54 -25.52 -23.33
N LYS A 88 27.58 -24.67 -22.97
CA LYS A 88 27.78 -23.21 -22.89
C LYS A 88 26.69 -22.62 -22.00
N THR A 89 26.89 -21.39 -21.54
CA THR A 89 25.82 -20.67 -20.86
C THR A 89 25.47 -19.40 -21.62
N GLU A 90 24.25 -18.91 -21.38
CA GLU A 90 23.88 -17.59 -21.87
C GLU A 90 23.09 -16.83 -20.82
N LEU A 91 23.16 -15.50 -20.91
CA LEU A 91 22.31 -14.64 -20.10
C LEU A 91 21.22 -14.11 -21.01
N VAL A 92 19.96 -14.39 -20.66
CA VAL A 92 18.81 -13.95 -21.46
C VAL A 92 18.16 -12.78 -20.68
N GLU A 93 18.31 -11.57 -21.23
CA GLU A 93 18.01 -10.36 -20.43
C GLU A 93 16.52 -10.09 -20.19
N PRO A 94 15.67 -10.25 -21.22
CA PRO A 94 14.23 -9.95 -20.99
C PRO A 94 13.58 -10.80 -19.88
N THR A 95 13.82 -12.11 -19.92
CA THR A 95 13.30 -13.04 -18.93
C THR A 95 14.21 -13.18 -17.71
N GLU A 96 15.36 -12.49 -17.73
CA GLU A 96 16.27 -12.43 -16.57
C GLU A 96 16.77 -13.82 -16.13
N TYR A 97 17.28 -14.60 -17.08
CA TYR A 97 17.80 -15.94 -16.79
C TYR A 97 19.29 -16.06 -17.08
N LEU A 98 19.95 -16.89 -16.27
CA LEU A 98 21.18 -17.58 -16.68
C LEU A 98 20.70 -18.93 -17.20
N VAL A 99 21.14 -19.30 -18.40
CA VAL A 99 20.69 -20.53 -19.05
C VAL A 99 21.93 -21.42 -19.22
N VAL A 100 21.94 -22.59 -18.59
CA VAL A 100 23.09 -23.51 -18.66
C VAL A 100 22.72 -24.66 -19.61
N HIS A 101 23.24 -24.63 -20.83
CA HIS A 101 22.97 -25.66 -21.83
C HIS A 101 23.88 -26.88 -21.60
N LEU A 102 23.29 -28.06 -21.44
CA LEU A 102 24.06 -29.25 -21.08
C LEU A 102 24.26 -30.19 -22.27
N LYS A 103 25.34 -30.96 -22.23
CA LYS A 103 25.67 -31.91 -23.30
C LYS A 103 24.84 -33.19 -23.26
N GLY A 104 24.02 -33.32 -22.22
CA GLY A 104 23.12 -34.46 -22.04
C GLY A 104 22.00 -34.05 -21.10
N SER A 105 21.17 -35.01 -20.69
CA SER A 105 20.04 -34.69 -19.84
C SER A 105 20.30 -35.08 -18.42
N LEU A 106 19.78 -34.28 -17.48
CA LEU A 106 19.78 -34.66 -16.06
C LEU A 106 18.79 -35.81 -15.83
N VAL A 107 18.93 -36.51 -14.72
CA VAL A 107 18.08 -37.70 -14.43
C VAL A 107 16.95 -37.34 -13.48
N LYS A 108 15.74 -37.79 -13.79
CA LYS A 108 14.56 -37.53 -12.95
C LYS A 108 14.76 -38.05 -11.51
N ASP A 109 14.30 -37.29 -10.53
CA ASP A 109 14.47 -37.60 -9.10
C ASP A 109 15.93 -37.77 -8.62
N SER A 110 16.85 -37.09 -9.28
CA SER A 110 18.25 -37.00 -8.81
C SER A 110 18.56 -35.56 -8.37
N GLN A 111 19.54 -35.41 -7.46
CA GLN A 111 19.98 -34.08 -7.02
C GLN A 111 21.31 -33.70 -7.66
N TYR A 112 21.53 -32.38 -7.76
CA TYR A 112 22.75 -31.81 -8.33
C TYR A 112 23.07 -30.53 -7.56
N GLU A 113 24.32 -30.07 -7.66
CA GLU A 113 24.70 -28.75 -7.13
C GLU A 113 25.32 -27.90 -8.23
N MET A 114 25.01 -26.61 -8.23
CA MET A 114 25.64 -25.68 -9.17
C MET A 114 26.32 -24.53 -8.42
N ASP A 115 27.58 -24.29 -8.76
CA ASP A 115 28.41 -23.32 -8.05
C ASP A 115 28.59 -22.11 -8.95
N SER A 116 28.51 -20.90 -8.37
CA SER A 116 28.67 -19.67 -9.15
C SER A 116 29.55 -18.69 -8.39
N GLU A 117 30.21 -17.82 -9.14
CA GLU A 117 31.03 -16.75 -8.54
C GLU A 117 30.68 -15.52 -9.36
N PHE A 118 30.32 -14.43 -8.71
CA PHE A 118 29.70 -13.36 -9.45
C PHE A 118 29.96 -12.00 -8.81
N GLU A 119 29.59 -10.95 -9.53
CA GLU A 119 29.75 -9.59 -9.04
C GLU A 119 28.62 -8.76 -9.56
N GLY A 120 28.11 -7.87 -8.71
CA GLY A 120 27.09 -6.91 -9.13
C GLY A 120 27.38 -5.50 -8.62
N GLU A 121 26.68 -4.52 -9.17
CA GLU A 121 26.80 -3.16 -8.60
C GLU A 121 25.92 -3.01 -7.35
N LEU A 122 26.51 -2.46 -6.29
CA LEU A 122 25.77 -2.09 -5.09
C LEU A 122 25.21 -0.69 -5.36
N ALA A 123 24.20 -0.63 -6.23
CA ALA A 123 23.68 0.63 -6.76
C ALA A 123 22.80 1.40 -5.78
N ASP A 124 22.61 2.70 -6.05
CA ASP A 124 21.65 3.44 -5.25
C ASP A 124 20.26 3.39 -5.91
N ASP A 125 19.85 2.17 -6.31
CA ASP A 125 18.58 1.97 -7.01
C ASP A 125 17.49 1.30 -6.14
N LEU A 126 17.71 1.21 -4.83
CA LEU A 126 16.70 0.69 -3.88
C LEU A 126 16.18 -0.72 -4.21
N ALA A 127 16.96 -1.49 -4.98
CA ALA A 127 16.50 -2.81 -5.43
C ALA A 127 17.60 -3.86 -5.33
N GLY A 128 17.22 -5.07 -4.90
CA GLY A 128 18.20 -6.14 -4.67
C GLY A 128 19.12 -5.82 -3.51
N PHE A 129 20.43 -6.07 -3.70
CA PHE A 129 21.44 -5.70 -2.71
C PHE A 129 21.89 -4.32 -3.21
N TYR A 130 21.63 -3.30 -2.40
CA TYR A 130 21.83 -1.91 -2.86
C TYR A 130 22.43 -1.07 -1.76
N ARG A 131 22.82 0.17 -2.07
CA ARG A 131 23.40 1.03 -1.03
C ARG A 131 22.44 2.13 -0.56
N SER A 132 22.47 2.37 0.75
CA SER A 132 21.80 3.50 1.37
C SER A 132 22.87 4.38 2.00
N GLU A 133 22.63 5.70 2.04
CA GLU A 133 23.63 6.66 2.48
C GLU A 133 23.02 7.68 3.42
N TYR A 134 23.77 8.05 4.45
CA TYR A 134 23.37 9.16 5.29
C TYR A 134 24.64 9.86 5.78
N MET A 135 24.46 11.04 6.35
CA MET A 135 25.58 11.81 6.90
C MET A 135 25.44 11.80 8.40
N GLU A 136 26.56 11.61 9.09
CA GLU A 136 26.64 11.85 10.51
C GLU A 136 27.70 12.95 10.62
N GLY A 137 27.27 14.18 10.86
CA GLY A 137 28.14 15.36 10.72
C GLY A 137 28.60 15.46 9.27
N ASN A 138 29.91 15.46 9.04
CA ASN A 138 30.44 15.52 7.67
C ASN A 138 30.97 14.16 7.20
N VAL A 139 30.64 13.10 7.94
CA VAL A 139 31.08 11.78 7.56
C VAL A 139 29.95 11.07 6.81
N ARG A 140 30.29 10.59 5.61
CA ARG A 140 29.38 9.84 4.75
C ARG A 140 29.30 8.41 5.28
N LYS A 141 28.11 7.97 5.66
CA LYS A 141 27.92 6.59 6.08
C LYS A 141 27.23 5.80 4.95
N VAL A 142 27.82 4.68 4.57
CA VAL A 142 27.29 3.87 3.49
C VAL A 142 26.87 2.53 4.08
N VAL A 143 25.64 2.12 3.74
CA VAL A 143 24.99 0.91 4.28
C VAL A 143 24.70 -0.01 3.10
N ALA A 144 25.00 -1.30 3.25
CA ALA A 144 24.58 -2.27 2.23
C ALA A 144 23.30 -2.88 2.78
N THR A 145 22.25 -2.92 1.98
CA THR A 145 20.96 -3.39 2.49
C THR A 145 20.20 -4.03 1.32
N THR A 146 19.04 -4.65 1.60
CA THR A 146 18.35 -5.35 0.52
C THR A 146 16.87 -5.01 0.41
N GLN A 147 16.33 -5.19 -0.80
CA GLN A 147 14.89 -5.20 -1.05
C GLN A 147 14.69 -6.18 -2.20
N MET A 148 14.18 -7.38 -1.88
CA MET A 148 14.01 -8.43 -2.90
C MET A 148 12.61 -8.41 -3.50
N GLN A 149 11.63 -7.94 -2.76
CA GLN A 149 10.24 -8.04 -3.30
C GLN A 149 10.03 -7.18 -4.54
N ALA A 150 9.44 -7.74 -5.60
CA ALA A 150 9.02 -9.16 -5.68
C ALA A 150 10.08 -10.07 -6.34
N ALA A 151 10.76 -9.53 -7.34
CA ALA A 151 11.55 -10.33 -8.24
C ALA A 151 13.00 -9.84 -8.34
N ASP A 152 13.55 -9.43 -7.21
CA ASP A 152 14.93 -8.92 -7.19
C ASP A 152 15.94 -9.73 -6.40
N ALA A 153 15.55 -10.84 -5.76
CA ALA A 153 16.56 -11.71 -5.13
C ALA A 153 17.61 -12.10 -6.18
N ARG A 154 17.13 -12.35 -7.41
CA ARG A 154 17.97 -12.74 -8.57
C ARG A 154 19.01 -11.67 -8.94
N LYS A 155 18.84 -10.46 -8.41
CA LYS A 155 19.77 -9.36 -8.70
C LYS A 155 20.92 -9.41 -7.68
N SER A 156 20.83 -10.29 -6.68
CA SER A 156 21.88 -10.45 -5.68
C SER A 156 22.66 -11.78 -5.78
N PHE A 157 21.98 -12.84 -6.26
CA PHE A 157 22.62 -14.15 -6.48
C PHE A 157 21.71 -14.98 -7.39
N PRO A 158 22.29 -15.92 -8.16
CA PRO A 158 21.41 -16.69 -9.06
C PRO A 158 20.50 -17.60 -8.25
N CYS A 159 19.21 -17.59 -8.55
CA CYS A 159 18.27 -18.40 -7.76
C CYS A 159 17.01 -18.68 -8.55
N PHE A 160 16.26 -19.71 -8.12
CA PHE A 160 14.99 -20.00 -8.73
C PHE A 160 14.02 -19.06 -8.03
N ASP A 161 13.85 -17.88 -8.62
CA ASP A 161 13.27 -16.73 -7.89
C ASP A 161 11.76 -16.61 -8.13
N GLU A 162 11.01 -17.60 -7.61
CA GLU A 162 9.54 -17.57 -7.64
C GLU A 162 9.12 -18.06 -6.25
N PRO A 163 8.01 -17.54 -5.71
CA PRO A 163 7.70 -17.73 -4.31
C PRO A 163 7.38 -19.17 -3.90
N ALA A 164 6.97 -20.00 -4.85
CA ALA A 164 6.68 -21.41 -4.51
C ALA A 164 7.94 -22.29 -4.61
N MET A 165 9.07 -21.70 -5.02
CA MET A 165 10.37 -22.40 -5.01
C MET A 165 11.07 -22.26 -3.67
N LYS A 166 10.44 -22.75 -2.60
CA LYS A 166 10.95 -22.55 -1.24
C LYS A 166 12.20 -23.37 -0.97
N ALA A 167 13.09 -22.85 -0.13
CA ALA A 167 14.36 -23.54 0.16
C ALA A 167 14.93 -23.05 1.45
N GLU A 168 15.95 -23.73 1.99
CA GLU A 168 16.70 -23.21 3.13
C GLU A 168 17.89 -22.45 2.57
N PHE A 169 18.29 -21.40 3.29
CA PHE A 169 19.38 -20.52 2.84
C PHE A 169 20.43 -20.39 3.94
N ASN A 170 21.68 -20.56 3.54
CA ASN A 170 22.84 -20.51 4.43
C ASN A 170 23.66 -19.29 4.01
N ILE A 171 23.51 -18.21 4.77
CA ILE A 171 24.08 -16.92 4.36
C ILE A 171 25.36 -16.64 5.12
N THR A 172 26.36 -16.20 4.37
CA THR A 172 27.59 -15.62 4.97
C THR A 172 27.79 -14.22 4.41
N LEU A 173 27.99 -13.26 5.31
CA LEU A 173 28.37 -11.89 4.89
C LEU A 173 29.82 -11.58 5.30
N ILE A 174 30.59 -11.05 4.36
CA ILE A 174 31.99 -10.65 4.58
C ILE A 174 31.95 -9.12 4.54
N HIS A 175 32.45 -8.49 5.60
CA HIS A 175 32.20 -7.08 5.81
C HIS A 175 33.35 -6.43 6.60
N PRO A 176 33.49 -5.08 6.50
CA PRO A 176 34.46 -4.43 7.38
C PRO A 176 34.26 -4.81 8.84
N LYS A 177 35.37 -5.02 9.54
CA LYS A 177 35.34 -5.60 10.88
C LYS A 177 34.61 -4.74 11.89
N ASP A 178 34.51 -3.44 11.60
CA ASP A 178 33.85 -2.50 12.49
C ASP A 178 32.32 -2.46 12.32
N LEU A 179 31.81 -3.04 11.22
CA LEU A 179 30.38 -2.95 10.91
C LEU A 179 29.66 -4.24 11.27
N THR A 180 28.39 -4.13 11.64
CA THR A 180 27.58 -5.28 12.01
C THR A 180 26.92 -5.85 10.77
N ALA A 181 27.03 -7.17 10.60
CA ALA A 181 26.25 -7.86 9.56
C ALA A 181 24.98 -8.44 10.16
N LEU A 182 23.87 -8.30 9.43
CA LEU A 182 22.57 -8.82 9.88
C LEU A 182 21.91 -9.59 8.75
N SER A 183 21.17 -10.63 9.10
CA SER A 183 20.40 -11.36 8.11
C SER A 183 19.14 -11.93 8.79
N ASN A 184 18.45 -12.82 8.08
CA ASN A 184 17.20 -13.38 8.60
C ASN A 184 17.40 -14.06 9.94
N MET A 185 18.46 -14.86 10.03
CA MET A 185 18.73 -15.66 11.23
C MET A 185 19.82 -15.03 12.09
N LEU A 186 20.09 -15.64 13.26
CA LEU A 186 21.19 -15.19 14.10
C LEU A 186 22.51 -15.76 13.58
N PRO A 187 23.64 -15.12 13.95
CA PRO A 187 24.94 -15.67 13.56
C PRO A 187 25.14 -17.11 14.05
N LYS A 188 25.80 -17.91 13.23
CA LYS A 188 26.17 -19.29 13.57
C LYS A 188 27.60 -19.23 14.05
N GLY A 189 27.81 -19.31 15.36
CA GLY A 189 29.17 -19.25 15.92
C GLY A 189 29.78 -17.86 15.80
N PRO A 190 31.07 -17.72 16.13
CA PRO A 190 31.66 -16.37 16.13
C PRO A 190 31.98 -15.86 14.74
N SER A 191 32.05 -14.54 14.59
CA SER A 191 32.66 -13.95 13.39
C SER A 191 34.17 -14.16 13.43
N THR A 192 34.76 -14.47 12.27
CA THR A 192 36.20 -14.72 12.18
C THR A 192 36.84 -13.72 11.20
N PRO A 193 38.14 -13.39 11.39
CA PRO A 193 38.79 -12.48 10.45
C PRO A 193 38.93 -13.10 9.06
N LEU A 194 38.78 -12.31 8.01
CA LEU A 194 39.04 -12.82 6.69
C LEU A 194 40.56 -13.07 6.56
N PRO A 195 40.95 -14.31 6.19
CA PRO A 195 42.37 -14.65 6.05
C PRO A 195 43.15 -13.68 5.15
N GLU A 196 42.66 -13.43 3.94
CA GLU A 196 43.35 -12.50 3.03
C GLU A 196 43.47 -11.05 3.57
N ASP A 197 42.60 -10.64 4.49
CA ASP A 197 42.58 -9.26 4.97
C ASP A 197 41.82 -9.13 6.27
N PRO A 198 42.54 -9.04 7.40
CA PRO A 198 41.92 -8.98 8.72
C PRO A 198 41.20 -7.68 9.03
N ASN A 199 41.15 -6.77 8.08
CA ASN A 199 40.29 -5.59 8.25
C ASN A 199 38.80 -5.97 8.02
N TRP A 200 38.58 -7.17 7.49
CA TRP A 200 37.23 -7.71 7.26
C TRP A 200 36.91 -8.88 8.18
N ASN A 201 35.64 -8.99 8.57
CA ASN A 201 35.10 -10.12 9.32
C ASN A 201 34.24 -10.98 8.40
N VAL A 202 34.21 -12.29 8.68
CA VAL A 202 33.35 -13.24 7.98
C VAL A 202 32.28 -13.66 8.99
N THR A 203 31.00 -13.42 8.67
CA THR A 203 29.89 -13.71 9.57
C THR A 203 28.92 -14.68 8.90
N GLU A 204 28.90 -15.93 9.37
CA GLU A 204 27.96 -16.92 8.85
C GLU A 204 26.70 -16.89 9.73
N PHE A 205 25.53 -17.12 9.11
CA PHE A 205 24.28 -17.14 9.86
C PHE A 205 23.71 -18.57 9.84
N HIS A 206 22.93 -18.90 10.85
CA HIS A 206 22.25 -20.21 10.91
C HIS A 206 21.37 -20.36 9.69
N THR A 207 21.08 -21.60 9.34
CA THR A 207 20.24 -21.90 8.20
C THR A 207 18.83 -21.32 8.41
N THR A 208 18.22 -20.79 7.36
CA THR A 208 16.84 -20.29 7.48
C THR A 208 15.87 -21.46 7.49
N PRO A 209 14.63 -21.22 7.96
CA PRO A 209 13.57 -22.17 7.63
C PRO A 209 13.38 -22.28 6.12
N LYS A 210 12.63 -23.27 5.67
CA LYS A 210 12.22 -23.33 4.29
C LYS A 210 11.40 -22.04 4.01
N MET A 211 11.75 -21.32 2.96
CA MET A 211 11.19 -19.97 2.73
C MET A 211 11.37 -19.54 1.31
N SER A 212 10.66 -18.46 0.95
CA SER A 212 10.74 -17.89 -0.39
C SER A 212 11.92 -16.89 -0.55
N THR A 213 12.47 -16.85 -1.76
CA THR A 213 13.62 -15.97 -2.06
C THR A 213 13.32 -14.47 -1.79
N TYR A 214 12.07 -14.06 -2.00
CA TYR A 214 11.72 -12.61 -1.89
C TYR A 214 11.75 -12.10 -0.44
N LEU A 215 11.94 -13.02 0.50
CA LEU A 215 11.95 -12.69 1.94
C LEU A 215 13.35 -12.65 2.58
N LEU A 216 14.39 -12.84 1.78
CA LEU A 216 15.75 -12.83 2.29
C LEU A 216 16.23 -11.38 2.49
N ALA A 217 17.04 -11.16 3.51
CA ALA A 217 17.62 -9.81 3.79
C ALA A 217 19.07 -9.93 4.23
N PHE A 218 19.91 -9.01 3.74
CA PHE A 218 21.33 -8.97 4.06
C PHE A 218 21.66 -7.50 4.33
N ILE A 219 22.11 -7.18 5.55
CA ILE A 219 22.40 -5.76 5.88
C ILE A 219 23.76 -5.63 6.60
N VAL A 220 24.54 -4.61 6.18
CA VAL A 220 25.81 -4.29 6.81
C VAL A 220 25.79 -2.80 7.11
N SER A 221 25.96 -2.45 8.39
CA SER A 221 25.87 -1.06 8.85
C SER A 221 26.58 -0.90 10.19
N GLU A 222 26.61 0.34 10.69
CA GLU A 222 27.01 0.58 12.07
C GLU A 222 25.85 1.09 12.90
N PHE A 223 24.65 0.61 12.57
CA PHE A 223 23.46 0.97 13.34
C PHE A 223 23.55 0.58 14.80
N ASP A 224 22.82 1.29 15.65
CA ASP A 224 22.65 0.89 17.04
C ASP A 224 21.26 0.34 17.22
N TYR A 225 20.97 -0.22 18.39
CA TYR A 225 19.64 -0.78 18.60
C TYR A 225 19.21 -0.66 20.03
N VAL A 226 17.91 -0.79 20.26
CA VAL A 226 17.38 -1.08 21.57
C VAL A 226 16.76 -2.48 21.50
N GLU A 227 16.63 -3.17 22.63
CA GLU A 227 16.16 -4.56 22.58
C GLU A 227 15.32 -4.95 23.77
N LYS A 228 14.46 -5.94 23.56
CA LYS A 228 13.64 -6.48 24.62
C LYS A 228 13.16 -7.86 24.20
N GLN A 229 13.26 -8.82 25.10
CA GLN A 229 12.66 -10.12 24.82
C GLN A 229 11.14 -10.03 24.96
N ALA A 230 10.42 -10.49 23.96
CA ALA A 230 8.97 -10.44 23.99
C ALA A 230 8.49 -11.57 24.88
N SER A 231 7.22 -11.50 25.27
CA SER A 231 6.64 -12.47 26.22
C SER A 231 6.53 -13.90 25.68
N ASN A 232 6.67 -14.07 24.36
CA ASN A 232 6.74 -15.40 23.79
C ASN A 232 8.19 -15.87 23.61
N GLY A 233 9.13 -15.15 24.24
CA GLY A 233 10.55 -15.55 24.22
C GLY A 233 11.36 -15.12 23.01
N VAL A 234 10.70 -14.48 22.03
CA VAL A 234 11.39 -13.99 20.83
C VAL A 234 12.14 -12.70 21.15
N LEU A 235 13.39 -12.59 20.71
CA LEU A 235 14.14 -11.36 20.91
C LEU A 235 13.74 -10.31 19.85
N ILE A 236 13.36 -9.12 20.31
CA ILE A 236 13.08 -8.00 19.40
C ILE A 236 14.19 -6.98 19.53
N ARG A 237 14.73 -6.54 18.39
CA ARG A 237 15.66 -5.40 18.37
C ARG A 237 15.15 -4.37 17.37
N ILE A 238 15.23 -3.09 17.76
CA ILE A 238 14.92 -1.99 16.84
C ILE A 238 16.25 -1.34 16.47
N TRP A 239 16.61 -1.40 15.19
CA TRP A 239 17.90 -0.92 14.73
C TRP A 239 17.73 0.35 13.90
N ALA A 240 18.58 1.36 14.11
CA ALA A 240 18.49 2.55 13.26
C ALA A 240 19.83 3.30 13.32
N ARG A 241 19.96 4.37 12.53
CA ARG A 241 21.15 5.22 12.64
C ARG A 241 21.42 5.58 14.12
N PRO A 242 22.71 5.63 14.52
CA PRO A 242 23.00 5.82 15.93
C PRO A 242 22.35 7.02 16.58
N SER A 243 22.34 8.17 15.89
CA SER A 243 21.71 9.38 16.48
C SER A 243 20.22 9.21 16.81
N ALA A 244 19.48 8.48 15.96
CA ALA A 244 18.05 8.22 16.21
C ALA A 244 17.83 7.32 17.43
N ILE A 245 18.62 6.26 17.53
CA ILE A 245 18.51 5.35 18.69
C ILE A 245 18.87 6.07 20.00
N ALA A 246 19.95 6.85 19.96
CA ALA A 246 20.41 7.60 21.14
C ALA A 246 19.37 8.63 21.59
N ALA A 247 18.69 9.22 20.61
CA ALA A 247 17.64 10.19 20.89
C ALA A 247 16.36 9.56 21.44
N GLY A 248 16.30 8.22 21.43
CA GLY A 248 15.15 7.48 21.94
C GLY A 248 14.04 7.26 20.91
N HIS A 249 14.33 7.51 19.65
CA HIS A 249 13.29 7.52 18.61
C HIS A 249 12.90 6.10 18.17
N GLY A 250 13.60 5.08 18.68
CA GLY A 250 13.19 3.66 18.45
C GLY A 250 12.33 3.13 19.59
N ASP A 251 12.10 3.95 20.61
CA ASP A 251 11.46 3.47 21.84
C ASP A 251 9.98 3.06 21.67
N TYR A 252 9.23 3.83 20.89
CA TYR A 252 7.82 3.48 20.67
C TYR A 252 7.70 2.13 19.92
N ALA A 253 8.53 1.95 18.90
CA ALA A 253 8.58 0.64 18.20
C ALA A 253 8.86 -0.51 19.16
N LEU A 254 9.80 -0.30 20.09
CA LEU A 254 10.11 -1.34 21.06
C LEU A 254 8.92 -1.59 21.98
N ASN A 255 8.15 -0.54 22.28
CA ASN A 255 6.99 -0.68 23.14
C ASN A 255 5.90 -1.57 22.52
N VAL A 256 5.79 -1.55 21.20
CA VAL A 256 4.65 -2.19 20.53
C VAL A 256 4.97 -3.49 19.80
N THR A 257 6.21 -3.66 19.36
CA THR A 257 6.55 -4.75 18.43
C THR A 257 6.37 -6.13 19.08
N GLY A 258 7.08 -6.37 20.17
CA GLY A 258 6.95 -7.68 20.85
C GLY A 258 5.53 -8.01 21.27
N PRO A 259 4.83 -7.04 21.91
CA PRO A 259 3.46 -7.32 22.31
C PRO A 259 2.54 -7.67 21.14
N ILE A 260 2.70 -7.00 19.99
CA ILE A 260 1.87 -7.32 18.82
C ILE A 260 2.25 -8.73 18.30
N LEU A 261 3.55 -9.03 18.24
CA LEU A 261 3.98 -10.35 17.77
C LEU A 261 3.34 -11.43 18.64
N ASN A 262 3.40 -11.24 19.95
CA ASN A 262 2.82 -12.21 20.88
C ASN A 262 1.31 -12.30 20.76
N PHE A 263 0.67 -11.15 20.55
CA PHE A 263 -0.77 -11.13 20.32
C PHE A 263 -1.18 -11.99 19.12
N PHE A 264 -0.50 -11.81 17.98
CA PHE A 264 -0.82 -12.59 16.76
C PHE A 264 -0.56 -14.08 16.98
N ALA A 265 0.56 -14.41 17.63
CA ALA A 265 0.87 -15.82 17.94
C ALA A 265 -0.27 -16.49 18.72
N GLY A 266 -0.78 -15.77 19.73
CA GLY A 266 -1.96 -16.22 20.51
C GLY A 266 -3.25 -16.28 19.70
N HIS A 267 -3.56 -15.18 19.01
CA HIS A 267 -4.82 -15.05 18.28
C HIS A 267 -4.98 -16.15 17.24
N TYR A 268 -3.87 -16.49 16.57
CA TYR A 268 -3.91 -17.48 15.50
C TYR A 268 -3.42 -18.85 15.95
N ASP A 269 -3.18 -18.99 17.25
CA ASP A 269 -2.74 -20.26 17.85
C ASP A 269 -1.57 -20.89 17.11
N THR A 270 -0.63 -20.06 16.67
CA THR A 270 0.47 -20.49 15.81
C THR A 270 1.72 -19.70 16.23
N PRO A 271 2.73 -20.39 16.83
CA PRO A 271 3.90 -19.67 17.30
C PRO A 271 4.67 -19.01 16.17
N TYR A 272 5.33 -17.90 16.48
CA TYR A 272 6.40 -17.42 15.61
C TYR A 272 7.62 -18.31 15.88
N PRO A 273 8.18 -18.97 14.84
CA PRO A 273 9.17 -20.03 15.03
C PRO A 273 10.65 -19.62 15.08
N LEU A 274 10.95 -18.34 14.80
CA LEU A 274 12.33 -17.89 14.70
C LEU A 274 12.77 -17.32 16.05
N PRO A 275 14.08 -17.31 16.32
CA PRO A 275 14.57 -16.85 17.62
C PRO A 275 14.47 -15.34 17.81
N LYS A 276 14.43 -14.59 16.72
CA LYS A 276 14.36 -13.12 16.84
C LYS A 276 13.56 -12.48 15.71
N SER A 277 13.12 -11.25 15.93
CA SER A 277 12.54 -10.46 14.87
C SER A 277 13.13 -9.04 14.99
N ASP A 278 14.10 -8.74 14.13
CA ASP A 278 14.74 -7.41 14.09
C ASP A 278 13.87 -6.47 13.27
N GLN A 279 13.71 -5.24 13.74
CA GLN A 279 13.07 -4.18 12.94
C GLN A 279 14.18 -3.17 12.62
N ILE A 280 14.34 -2.79 11.37
CA ILE A 280 15.45 -1.90 11.02
C ILE A 280 14.98 -0.78 10.08
N GLY A 281 15.36 0.48 10.39
CA GLY A 281 14.92 1.61 9.59
C GLY A 281 16.03 2.12 8.68
N LEU A 282 15.75 2.18 7.38
CA LEU A 282 16.74 2.55 6.39
C LEU A 282 16.49 3.98 5.87
N PRO A 283 17.57 4.77 5.71
CA PRO A 283 17.48 6.11 5.10
C PRO A 283 17.01 6.09 3.64
N ASP A 284 17.32 5.04 2.91
CA ASP A 284 16.87 4.91 1.53
C ASP A 284 16.10 3.61 1.39
N PHE A 285 14.80 3.72 1.15
CA PHE A 285 13.91 2.56 1.12
C PHE A 285 12.68 2.92 0.32
N ASN A 286 12.30 2.07 -0.64
CA ASN A 286 11.27 2.43 -1.61
C ASN A 286 9.84 2.05 -1.28
N ALA A 287 9.58 1.68 -0.04
CA ALA A 287 8.22 1.33 0.37
C ALA A 287 8.06 1.78 1.81
N GLY A 288 6.87 1.54 2.39
CA GLY A 288 6.70 1.72 3.83
C GLY A 288 7.62 0.82 4.65
N ALA A 289 7.69 -0.44 4.24
CA ALA A 289 8.43 -1.45 4.99
C ALA A 289 8.46 -2.71 4.14
N MET A 290 9.15 -3.77 4.60
CA MET A 290 9.14 -5.05 3.88
C MET A 290 9.35 -6.18 4.90
N GLU A 291 8.54 -7.24 4.80
CA GLU A 291 8.36 -8.19 5.91
C GLU A 291 9.41 -9.31 6.01
N ASN A 292 10.64 -9.03 5.58
CA ASN A 292 11.66 -10.09 5.51
C ASN A 292 11.70 -10.89 6.80
N TRP A 293 11.71 -12.23 6.65
CA TRP A 293 11.46 -13.10 7.80
C TRP A 293 12.64 -13.08 8.79
N GLY A 294 12.45 -12.43 9.92
CA GLY A 294 13.52 -12.27 10.93
C GLY A 294 14.21 -10.90 10.87
N LEU A 295 14.01 -10.14 9.80
CA LEU A 295 14.73 -8.86 9.59
C LEU A 295 13.82 -7.92 8.80
N VAL A 296 12.88 -7.31 9.49
CA VAL A 296 11.84 -6.51 8.84
C VAL A 296 12.43 -5.13 8.59
N THR A 297 12.41 -4.67 7.35
CA THR A 297 13.00 -3.36 7.01
C THR A 297 11.91 -2.29 6.91
N TYR A 298 12.28 -1.03 7.20
CA TYR A 298 11.27 0.05 7.22
C TYR A 298 11.91 1.30 6.64
N ARG A 299 11.12 2.15 5.97
CA ARG A 299 11.62 3.52 5.86
C ARG A 299 11.55 4.18 7.24
N GLU A 300 12.39 5.18 7.46
CA GLU A 300 12.47 5.79 8.80
C GLU A 300 11.15 6.34 9.32
N ASN A 301 10.32 6.88 8.42
CA ASN A 301 9.04 7.48 8.83
C ASN A 301 7.99 6.46 9.25
N SER A 302 8.31 5.18 9.08
CA SER A 302 7.35 4.16 9.45
C SER A 302 7.77 3.39 10.70
N LEU A 303 8.95 3.69 11.23
CA LEU A 303 9.48 2.93 12.38
C LEU A 303 9.85 3.84 13.55
N LEU A 304 10.56 4.93 13.23
CA LEU A 304 11.02 5.90 14.23
C LEU A 304 9.89 6.86 14.63
N PHE A 305 9.94 7.36 15.86
CA PHE A 305 8.91 8.25 16.36
C PHE A 305 9.50 9.15 17.41
N ASP A 306 9.27 10.45 17.26
CA ASP A 306 9.77 11.45 18.21
C ASP A 306 8.58 12.06 18.92
N PRO A 307 8.39 11.72 20.21
CA PRO A 307 7.23 12.21 20.97
C PRO A 307 7.15 13.72 21.02
N LEU A 308 8.27 14.41 20.80
CA LEU A 308 8.24 15.87 20.88
C LEU A 308 8.01 16.54 19.53
N SER A 309 8.15 15.81 18.43
CA SER A 309 7.99 16.42 17.11
C SER A 309 7.11 15.68 16.10
N SER A 310 6.91 14.37 16.30
CA SER A 310 6.02 13.59 15.40
C SER A 310 4.55 13.82 15.78
N SER A 311 3.64 13.77 14.81
CA SER A 311 2.22 13.94 15.11
C SER A 311 1.55 12.64 15.58
N SER A 312 0.30 12.76 16.06
CA SER A 312 -0.49 11.55 16.40
C SER A 312 -0.73 10.67 15.17
N SER A 313 -0.92 11.31 14.02
CA SER A 313 -1.03 10.57 12.76
C SER A 313 0.25 9.78 12.43
N ASN A 314 1.40 10.41 12.65
CA ASN A 314 2.67 9.69 12.52
C ASN A 314 2.75 8.47 13.44
N LYS A 315 2.32 8.64 14.69
CA LYS A 315 2.34 7.55 15.67
C LYS A 315 1.43 6.41 15.24
N GLU A 316 0.26 6.75 14.71
CA GLU A 316 -0.66 5.77 14.16
C GLU A 316 -0.05 5.03 12.96
N ARG A 317 0.68 5.74 12.12
CA ARG A 317 1.38 5.12 11.00
C ARG A 317 2.43 4.09 11.49
N VAL A 318 3.19 4.43 12.52
CA VAL A 318 4.21 3.51 13.04
C VAL A 318 3.56 2.21 13.54
N VAL A 319 2.54 2.30 14.42
CA VAL A 319 1.97 1.09 15.01
C VAL A 319 1.24 0.21 13.97
N THR A 320 0.58 0.86 13.00
CA THR A 320 -0.15 0.10 11.98
C THR A 320 0.80 -0.54 10.96
N VAL A 321 1.89 0.12 10.61
CA VAL A 321 2.86 -0.47 9.69
C VAL A 321 3.59 -1.62 10.38
N ILE A 322 4.01 -1.42 11.62
CA ILE A 322 4.63 -2.53 12.39
C ILE A 322 3.66 -3.74 12.44
N ALA A 323 2.40 -3.46 12.78
CA ALA A 323 1.37 -4.50 12.84
C ALA A 323 1.18 -5.22 11.50
N HIS A 324 1.21 -4.47 10.41
CA HIS A 324 1.07 -5.03 9.06
C HIS A 324 2.27 -5.96 8.80
N GLU A 325 3.48 -5.47 9.09
CA GLU A 325 4.68 -6.29 8.84
C GLU A 325 4.64 -7.60 9.67
N LEU A 326 4.23 -7.47 10.92
CA LEU A 326 4.19 -8.63 11.82
C LEU A 326 3.08 -9.58 11.37
N ALA A 327 1.96 -9.04 10.90
CA ALA A 327 0.90 -9.91 10.34
C ALA A 327 1.47 -10.82 9.26
N HIS A 328 2.33 -10.28 8.41
CA HIS A 328 2.96 -11.04 7.32
C HIS A 328 3.79 -12.24 7.81
N GLN A 329 4.26 -12.21 9.05
CA GLN A 329 5.09 -13.35 9.53
C GLN A 329 4.25 -14.64 9.41
N TRP A 330 2.94 -14.51 9.61
CA TRP A 330 2.00 -15.60 9.38
C TRP A 330 1.50 -15.63 7.95
N PHE A 331 0.88 -14.53 7.52
CA PHE A 331 0.28 -14.41 6.18
C PHE A 331 1.25 -13.85 5.16
N GLY A 332 2.10 -14.74 4.67
CA GLY A 332 3.10 -14.40 3.68
C GLY A 332 4.39 -15.20 3.87
N ASN A 333 4.86 -15.25 5.12
CA ASN A 333 6.17 -15.86 5.37
C ASN A 333 6.02 -17.35 5.72
N LEU A 334 5.29 -17.63 6.78
CA LEU A 334 5.06 -19.02 7.21
C LEU A 334 4.23 -19.75 6.13
N VAL A 335 3.13 -19.10 5.71
CA VAL A 335 2.31 -19.57 4.60
C VAL A 335 2.40 -18.53 3.47
N THR A 336 2.68 -18.98 2.25
CA THR A 336 3.01 -18.05 1.17
C THR A 336 2.15 -18.31 -0.02
N ILE A 337 1.76 -17.23 -0.72
CA ILE A 337 1.10 -17.36 -2.02
C ILE A 337 1.84 -18.34 -2.94
N GLU A 338 1.07 -19.17 -3.65
CA GLU A 338 1.63 -20.01 -4.71
C GLU A 338 2.24 -19.17 -5.82
N TRP A 339 1.56 -18.06 -6.18
CA TRP A 339 2.06 -17.17 -7.23
C TRP A 339 1.40 -15.81 -7.03
N TRP A 340 1.96 -14.79 -7.70
CA TRP A 340 1.58 -13.38 -7.43
C TRP A 340 0.14 -13.04 -7.78
N ASN A 341 -0.51 -13.82 -8.65
CA ASN A 341 -1.91 -13.55 -9.02
C ASN A 341 -2.83 -13.63 -7.81
N ASP A 342 -2.42 -14.37 -6.78
CA ASP A 342 -3.19 -14.50 -5.55
C ASP A 342 -2.61 -13.65 -4.41
N LEU A 343 -1.96 -12.53 -4.77
CA LEU A 343 -1.25 -11.69 -3.80
C LEU A 343 -2.05 -11.31 -2.56
N TRP A 344 -3.36 -11.13 -2.72
CA TRP A 344 -4.22 -10.74 -1.60
C TRP A 344 -4.14 -11.71 -0.41
N LEU A 345 -3.74 -12.96 -0.66
CA LEU A 345 -3.58 -13.94 0.45
C LEU A 345 -2.48 -13.48 1.39
N ASN A 346 -1.51 -12.74 0.85
CA ASN A 346 -0.50 -12.09 1.68
C ASN A 346 -1.03 -10.70 2.11
N GLU A 347 -1.39 -9.88 1.13
CA GLU A 347 -1.56 -8.42 1.36
C GLU A 347 -2.93 -8.04 1.91
N GLY A 348 -3.98 -8.75 1.49
CA GLY A 348 -5.33 -8.53 2.05
C GLY A 348 -5.34 -8.88 3.51
N PHE A 349 -4.73 -10.03 3.83
CA PHE A 349 -4.59 -10.42 5.22
C PHE A 349 -3.79 -9.44 6.03
N ALA A 350 -2.60 -9.05 5.55
CA ALA A 350 -1.80 -8.10 6.38
C ALA A 350 -2.57 -6.76 6.55
N SER A 351 -3.29 -6.35 5.52
CA SER A 351 -4.00 -5.06 5.57
C SER A 351 -5.19 -5.08 6.54
N TYR A 352 -5.79 -6.25 6.71
CA TYR A 352 -6.90 -6.41 7.66
C TYR A 352 -6.34 -6.65 9.08
N VAL A 353 -5.44 -7.63 9.20
CA VAL A 353 -4.95 -8.09 10.48
C VAL A 353 -4.13 -6.99 11.18
N GLU A 354 -3.55 -6.08 10.39
CA GLU A 354 -2.83 -4.93 11.00
C GLU A 354 -3.70 -4.17 12.00
N TYR A 355 -5.00 -4.05 11.74
CA TYR A 355 -5.85 -3.29 12.66
C TYR A 355 -6.07 -4.05 13.97
N LEU A 356 -6.18 -5.37 13.87
CA LEU A 356 -6.32 -6.20 15.08
C LEU A 356 -5.08 -6.02 15.97
N GLY A 357 -3.90 -6.08 15.37
CA GLY A 357 -2.65 -5.91 16.11
C GLY A 357 -2.48 -4.50 16.68
N ALA A 358 -2.72 -3.48 15.85
CA ALA A 358 -2.62 -2.09 16.31
C ALA A 358 -3.64 -1.77 17.40
N ASP A 359 -4.86 -2.30 17.25
CA ASP A 359 -5.89 -2.16 18.27
C ASP A 359 -5.47 -2.84 19.58
N TYR A 360 -4.82 -4.00 19.49
CA TYR A 360 -4.28 -4.65 20.69
C TYR A 360 -3.30 -3.71 21.43
N ALA A 361 -2.39 -3.14 20.68
CA ALA A 361 -1.34 -2.27 21.26
C ALA A 361 -1.91 -0.92 21.75
N GLU A 362 -2.93 -0.41 21.08
CA GLU A 362 -3.49 0.90 21.37
C GLU A 362 -5.02 0.82 21.45
N PRO A 363 -5.53 0.16 22.51
CA PRO A 363 -6.97 -0.13 22.58
C PRO A 363 -7.86 1.11 22.68
N THR A 364 -7.32 2.25 23.11
CA THR A 364 -8.13 3.47 23.24
C THR A 364 -8.28 4.23 21.92
N TRP A 365 -7.55 3.83 20.88
CA TRP A 365 -7.59 4.59 19.63
C TRP A 365 -8.76 4.30 18.67
N ASN A 366 -9.46 3.19 18.88
CA ASN A 366 -10.55 2.77 18.00
C ASN A 366 -10.18 2.80 16.50
N LEU A 367 -9.10 2.12 16.14
CA LEU A 367 -8.56 2.15 14.77
C LEU A 367 -9.31 1.27 13.77
N LYS A 368 -9.80 0.12 14.24
CA LYS A 368 -10.53 -0.86 13.42
C LYS A 368 -11.60 -0.16 12.59
N ASP A 369 -12.21 0.85 13.20
CA ASP A 369 -13.19 1.64 12.46
C ASP A 369 -12.67 2.32 11.19
N LEU A 370 -11.39 2.70 11.16
CA LEU A 370 -10.85 3.46 10.02
C LEU A 370 -10.76 2.63 8.73
N MET A 371 -10.92 1.31 8.85
CA MET A 371 -11.00 0.42 7.70
C MET A 371 -12.05 0.82 6.72
N VAL A 372 -13.14 1.41 7.23
CA VAL A 372 -14.19 1.78 6.33
C VAL A 372 -13.62 2.81 5.37
N LEU A 373 -12.87 3.79 5.90
CA LEU A 373 -12.34 4.85 5.01
C LEU A 373 -11.09 4.39 4.27
N ASN A 374 -10.19 3.73 5.01
CA ASN A 374 -8.86 3.39 4.48
C ASN A 374 -8.84 2.15 3.61
N ASP A 375 -9.88 1.33 3.72
CA ASP A 375 -9.95 0.13 2.90
C ASP A 375 -11.15 0.10 1.99
N VAL A 376 -12.33 0.01 2.57
CA VAL A 376 -13.57 -0.14 1.78
C VAL A 376 -13.69 1.01 0.78
N TYR A 377 -13.74 2.25 1.29
CA TYR A 377 -14.04 3.37 0.40
C TYR A 377 -12.84 3.76 -0.48
N ARG A 378 -11.62 3.49 0.02
CA ARG A 378 -10.43 3.71 -0.78
C ARG A 378 -10.49 2.88 -2.09
N VAL A 379 -10.78 1.60 -1.96
CA VAL A 379 -10.76 0.70 -3.14
C VAL A 379 -12.03 0.78 -4.01
N MET A 380 -13.16 1.16 -3.42
CA MET A 380 -14.40 1.19 -4.23
C MET A 380 -14.32 2.16 -5.40
N ALA A 381 -13.49 3.20 -5.27
CA ALA A 381 -13.29 4.18 -6.35
C ALA A 381 -12.75 3.48 -7.64
N VAL A 382 -11.73 2.66 -7.49
CA VAL A 382 -11.18 1.98 -8.67
C VAL A 382 -11.97 0.73 -9.02
N ASP A 383 -12.59 0.10 -8.02
CA ASP A 383 -13.30 -1.17 -8.27
C ASP A 383 -14.68 -0.94 -8.91
N ALA A 384 -15.05 0.33 -9.09
CA ALA A 384 -16.26 0.68 -9.85
C ALA A 384 -15.96 0.91 -11.34
N LEU A 385 -14.75 0.63 -11.79
CA LEU A 385 -14.40 0.79 -13.20
C LEU A 385 -14.50 -0.57 -13.90
N ALA A 386 -14.81 -0.52 -15.20
CA ALA A 386 -14.78 -1.72 -16.07
C ALA A 386 -13.36 -2.24 -16.21
N SER A 387 -12.38 -1.35 -16.01
CA SER A 387 -10.96 -1.72 -16.04
C SER A 387 -10.32 -2.05 -14.69
N SER A 388 -11.15 -2.42 -13.71
CA SER A 388 -10.64 -3.02 -12.48
C SER A 388 -10.24 -4.48 -12.76
N HIS A 389 -9.95 -5.23 -11.72
CA HIS A 389 -9.52 -6.63 -11.87
C HIS A 389 -9.93 -7.40 -10.64
N PRO A 390 -10.10 -8.73 -10.78
CA PRO A 390 -10.52 -9.52 -9.62
C PRO A 390 -9.43 -9.61 -8.56
N LEU A 391 -9.86 -9.89 -7.33
CA LEU A 391 -8.95 -10.12 -6.23
C LEU A 391 -7.96 -11.22 -6.59
N SER A 392 -8.47 -12.32 -7.16
CA SER A 392 -7.62 -13.39 -7.66
C SER A 392 -7.63 -13.39 -9.18
N THR A 393 -6.56 -12.89 -9.78
CA THR A 393 -6.45 -12.83 -11.24
C THR A 393 -6.04 -14.23 -11.72
N PRO A 394 -6.50 -14.66 -12.91
CA PRO A 394 -5.97 -15.95 -13.43
C PRO A 394 -4.43 -15.99 -13.51
N ALA A 395 -3.82 -17.05 -12.97
CA ALA A 395 -2.36 -17.12 -12.80
C ALA A 395 -1.63 -16.96 -14.13
N SER A 396 -2.21 -17.51 -15.20
CA SER A 396 -1.63 -17.44 -16.52
C SER A 396 -1.54 -16.03 -17.11
N GLU A 397 -2.23 -15.05 -16.51
CA GLU A 397 -2.17 -13.65 -16.95
C GLU A 397 -1.05 -12.84 -16.30
N ILE A 398 -0.44 -13.39 -15.25
CA ILE A 398 0.56 -12.66 -14.46
C ILE A 398 1.91 -13.33 -14.67
N ASN A 399 2.78 -12.68 -15.45
CA ASN A 399 4.02 -13.30 -15.88
C ASN A 399 5.27 -12.48 -15.72
N THR A 400 5.20 -11.19 -16.04
CA THR A 400 6.38 -10.34 -16.02
C THR A 400 6.51 -9.59 -14.70
N PRO A 401 7.72 -9.13 -14.36
CA PRO A 401 7.88 -8.35 -13.15
C PRO A 401 6.98 -7.10 -13.12
N ALA A 402 6.75 -6.47 -14.28
CA ALA A 402 5.84 -5.31 -14.35
C ALA A 402 4.41 -5.71 -13.96
N GLN A 403 3.96 -6.85 -14.49
CA GLN A 403 2.60 -7.33 -14.18
C GLN A 403 2.47 -7.71 -12.71
N ILE A 404 3.53 -8.25 -12.13
CA ILE A 404 3.58 -8.60 -10.71
C ILE A 404 3.50 -7.33 -9.84
N SER A 405 4.40 -6.39 -10.11
CA SER A 405 4.46 -5.13 -9.36
C SER A 405 3.10 -4.42 -9.36
N GLU A 406 2.45 -4.43 -10.52
CA GLU A 406 1.13 -3.79 -10.73
C GLU A 406 0.05 -4.31 -9.80
N LEU A 407 0.16 -5.58 -9.40
CA LEU A 407 -0.83 -6.17 -8.47
C LEU A 407 -0.72 -5.67 -7.04
N PHE A 408 0.38 -5.01 -6.67
CA PHE A 408 0.50 -4.42 -5.33
C PHE A 408 -0.32 -3.14 -5.31
N ASP A 409 -1.64 -3.28 -5.23
CA ASP A 409 -2.54 -2.16 -5.54
C ASP A 409 -3.72 -2.16 -4.59
N ALA A 410 -4.67 -1.24 -4.78
CA ALA A 410 -5.77 -1.11 -3.82
C ALA A 410 -6.64 -2.38 -3.80
N ILE A 411 -6.74 -3.07 -4.93
CA ILE A 411 -7.48 -4.36 -4.95
C ILE A 411 -6.84 -5.40 -4.00
N SER A 412 -5.56 -5.71 -4.22
CA SER A 412 -4.91 -6.74 -3.41
C SER A 412 -4.85 -6.38 -1.93
N TYR A 413 -4.65 -5.09 -1.63
CA TYR A 413 -4.53 -4.65 -0.24
C TYR A 413 -5.90 -4.37 0.38
N SER A 414 -6.59 -3.35 -0.13
CA SER A 414 -7.78 -2.80 0.53
C SER A 414 -9.04 -3.59 0.24
N LYS A 415 -9.22 -4.04 -1.01
CA LYS A 415 -10.35 -4.94 -1.27
C LYS A 415 -10.12 -6.28 -0.57
N GLY A 416 -8.90 -6.81 -0.63
CA GLY A 416 -8.54 -8.00 0.19
C GLY A 416 -8.96 -7.81 1.65
N ALA A 417 -8.55 -6.70 2.27
CA ALA A 417 -8.93 -6.44 3.66
C ALA A 417 -10.46 -6.33 3.87
N SER A 418 -11.15 -5.65 2.95
CA SER A 418 -12.61 -5.45 3.05
C SER A 418 -13.37 -6.76 2.97
N VAL A 419 -12.96 -7.62 2.04
CA VAL A 419 -13.60 -8.91 1.89
C VAL A 419 -13.38 -9.80 3.13
N LEU A 420 -12.17 -9.72 3.72
CA LEU A 420 -11.89 -10.45 4.95
C LEU A 420 -12.68 -9.89 6.14
N ARG A 421 -12.83 -8.56 6.19
CA ARG A 421 -13.66 -7.91 7.22
C ARG A 421 -15.11 -8.40 7.12
N MET A 422 -15.60 -8.51 5.89
CA MET A 422 -16.97 -8.99 5.64
C MET A 422 -17.13 -10.44 6.09
N LEU A 423 -16.17 -11.26 5.69
CA LEU A 423 -16.14 -12.69 6.01
C LEU A 423 -16.11 -12.90 7.54
N SER A 424 -15.22 -12.17 8.22
CA SER A 424 -15.13 -12.24 9.67
C SER A 424 -16.45 -11.85 10.32
N SER A 425 -17.08 -10.79 9.80
CA SER A 425 -18.39 -10.38 10.27
C SER A 425 -19.47 -11.47 10.14
N PHE A 426 -19.62 -12.10 8.97
CA PHE A 426 -20.70 -13.08 8.84
C PHE A 426 -20.41 -14.45 9.50
N LEU A 427 -19.13 -14.77 9.67
CA LEU A 427 -18.73 -15.99 10.38
C LEU A 427 -18.69 -15.81 11.89
N SER A 428 -18.43 -14.56 12.33
CA SER A 428 -17.89 -14.17 13.65
C SER A 428 -16.37 -14.37 13.67
N GLU A 429 -15.62 -13.47 14.32
CA GLU A 429 -14.15 -13.59 14.35
C GLU A 429 -13.72 -14.89 15.05
N ASP A 430 -14.51 -15.38 16.00
CA ASP A 430 -14.15 -16.65 16.67
C ASP A 430 -14.07 -17.80 15.66
N VAL A 431 -15.04 -17.87 14.77
CA VAL A 431 -15.07 -18.93 13.77
C VAL A 431 -14.02 -18.69 12.70
N PHE A 432 -13.87 -17.42 12.31
CA PHE A 432 -12.86 -17.00 11.34
C PHE A 432 -11.45 -17.40 11.80
N LYS A 433 -11.08 -17.02 13.02
CA LYS A 433 -9.72 -17.28 13.51
C LYS A 433 -9.49 -18.78 13.73
N GLN A 434 -10.55 -19.53 14.01
CA GLN A 434 -10.45 -20.99 14.13
C GLN A 434 -10.06 -21.60 12.77
N GLY A 435 -10.71 -21.15 11.70
CA GLY A 435 -10.42 -21.65 10.34
C GLY A 435 -9.02 -21.22 9.90
N LEU A 436 -8.64 -19.99 10.27
CA LEU A 436 -7.29 -19.52 9.99
C LEU A 436 -6.20 -20.31 10.72
N ALA A 437 -6.41 -20.65 12.00
CA ALA A 437 -5.46 -21.49 12.72
C ALA A 437 -5.22 -22.79 11.98
N SER A 438 -6.31 -23.40 11.49
CA SER A 438 -6.23 -24.66 10.77
C SER A 438 -5.46 -24.50 9.45
N TYR A 439 -5.77 -23.43 8.70
CA TYR A 439 -5.08 -23.05 7.47
C TYR A 439 -3.56 -22.90 7.71
N LEU A 440 -3.19 -22.11 8.72
CA LEU A 440 -1.78 -21.88 9.01
C LEU A 440 -1.09 -23.19 9.40
N HIS A 441 -1.72 -24.00 10.26
CA HIS A 441 -1.11 -25.28 10.66
C HIS A 441 -0.87 -26.21 9.48
N THR A 442 -1.88 -26.34 8.61
CA THR A 442 -1.79 -27.26 7.49
C THR A 442 -0.73 -26.85 6.48
N PHE A 443 -0.63 -25.55 6.21
CA PHE A 443 0.21 -25.07 5.11
C PHE A 443 1.50 -24.38 5.56
N ALA A 444 1.85 -24.53 6.83
CA ALA A 444 3.13 -23.98 7.34
C ALA A 444 4.31 -24.46 6.51
N TYR A 445 5.15 -23.50 6.08
CA TYR A 445 6.33 -23.75 5.24
C TYR A 445 5.97 -24.21 3.82
N GLN A 446 4.75 -23.90 3.41
CA GLN A 446 4.28 -24.29 2.08
C GLN A 446 3.58 -23.10 1.41
N ASN A 447 2.92 -23.35 0.28
CA ASN A 447 2.28 -22.29 -0.53
C ASN A 447 0.79 -22.58 -0.78
N THR A 448 -0.02 -21.54 -0.90
CA THR A 448 -1.47 -21.72 -0.98
C THR A 448 -2.07 -20.97 -2.14
N ILE A 449 -3.27 -21.43 -2.55
CA ILE A 449 -4.13 -20.65 -3.41
C ILE A 449 -5.44 -20.35 -2.67
N TYR A 450 -6.29 -19.51 -3.27
CA TYR A 450 -7.48 -19.02 -2.58
C TYR A 450 -8.39 -20.21 -2.14
N LEU A 451 -8.43 -21.27 -2.94
CA LEU A 451 -9.30 -22.43 -2.58
C LEU A 451 -8.87 -23.10 -1.29
N ASN A 452 -7.56 -23.09 -1.03
CA ASN A 452 -7.05 -23.67 0.23
C ASN A 452 -7.59 -22.94 1.45
N LEU A 453 -7.73 -21.62 1.34
CA LEU A 453 -8.30 -20.83 2.42
C LEU A 453 -9.77 -21.23 2.66
N TRP A 454 -10.59 -21.27 1.61
CA TRP A 454 -12.01 -21.60 1.76
C TRP A 454 -12.19 -22.97 2.43
N ASP A 455 -11.36 -23.95 2.03
CA ASP A 455 -11.44 -25.31 2.58
C ASP A 455 -11.30 -25.30 4.08
N HIS A 456 -10.34 -24.52 4.59
CA HIS A 456 -10.12 -24.45 6.02
C HIS A 456 -11.16 -23.64 6.78
N LEU A 457 -11.67 -22.57 6.17
CA LEU A 457 -12.80 -21.85 6.77
C LEU A 457 -14.06 -22.77 6.81
N GLN A 458 -14.27 -23.53 5.75
CA GLN A 458 -15.38 -24.50 5.70
C GLN A 458 -15.31 -25.51 6.86
N GLU A 459 -14.11 -26.01 7.10
CA GLU A 459 -13.85 -26.90 8.22
C GLU A 459 -14.33 -26.34 9.57
N ALA A 460 -14.06 -25.06 9.82
CA ALA A 460 -14.52 -24.39 11.02
C ALA A 460 -16.04 -24.21 11.04
N VAL A 461 -16.62 -23.79 9.90
CA VAL A 461 -18.08 -23.66 9.76
C VAL A 461 -18.75 -25.00 10.09
N ASN A 462 -18.23 -26.08 9.50
CA ASN A 462 -18.81 -27.41 9.67
C ASN A 462 -18.71 -27.87 11.11
N ASN A 463 -17.56 -27.62 11.73
CA ASN A 463 -17.38 -27.92 13.16
C ASN A 463 -18.32 -27.18 14.09
N ARG A 464 -18.66 -25.95 13.74
CA ARG A 464 -19.51 -25.12 14.57
C ARG A 464 -20.97 -25.22 14.19
N SER A 465 -21.28 -26.06 13.21
CA SER A 465 -22.64 -26.19 12.68
C SER A 465 -23.26 -24.85 12.25
N ILE A 466 -22.44 -23.92 11.75
CA ILE A 466 -22.93 -22.67 11.18
C ILE A 466 -23.68 -23.00 9.87
N GLN A 467 -24.90 -22.48 9.73
CA GLN A 467 -25.65 -22.70 8.49
C GLN A 467 -25.55 -21.46 7.60
N LEU A 468 -25.09 -21.67 6.37
CA LEU A 468 -24.95 -20.59 5.41
C LEU A 468 -25.78 -21.01 4.22
N PRO A 469 -26.09 -20.05 3.31
CA PRO A 469 -26.93 -20.42 2.16
C PRO A 469 -26.25 -21.36 1.17
N THR A 470 -24.93 -21.45 1.24
CA THR A 470 -24.16 -22.43 0.46
C THR A 470 -22.76 -22.56 1.13
N THR A 471 -21.81 -23.14 0.44
CA THR A 471 -20.47 -23.32 0.99
C THR A 471 -19.69 -22.00 1.01
N VAL A 472 -18.67 -21.95 1.87
CA VAL A 472 -17.79 -20.76 1.95
C VAL A 472 -17.22 -20.45 0.57
N ARG A 473 -16.74 -21.49 -0.10
CA ARG A 473 -16.20 -21.34 -1.43
C ARG A 473 -17.17 -20.65 -2.38
N ASP A 474 -18.42 -21.11 -2.41
CA ASP A 474 -19.35 -20.51 -3.36
C ASP A 474 -19.77 -19.07 -3.00
N ILE A 475 -19.90 -18.76 -1.72
CA ILE A 475 -20.14 -17.37 -1.33
C ILE A 475 -18.92 -16.53 -1.75
N MET A 476 -17.73 -16.98 -1.36
CA MET A 476 -16.53 -16.12 -1.46
C MET A 476 -15.96 -16.07 -2.85
N ASN A 477 -16.22 -17.09 -3.67
CA ASN A 477 -15.76 -17.04 -5.07
C ASN A 477 -16.37 -15.84 -5.80
N ARG A 478 -17.61 -15.49 -5.46
CA ARG A 478 -18.26 -14.32 -6.03
C ARG A 478 -17.48 -13.00 -5.77
N TRP A 479 -16.88 -12.91 -4.59
CA TRP A 479 -16.14 -11.71 -4.18
C TRP A 479 -14.66 -11.74 -4.62
N THR A 480 -14.20 -12.91 -5.10
CA THR A 480 -12.78 -13.15 -5.30
C THR A 480 -12.40 -13.30 -6.79
N LEU A 481 -13.27 -13.93 -7.57
CA LEU A 481 -12.94 -14.27 -8.93
C LEU A 481 -13.49 -13.33 -9.98
N GLN A 482 -14.41 -12.44 -9.59
CA GLN A 482 -14.87 -11.42 -10.51
C GLN A 482 -14.58 -10.06 -9.88
N MET A 483 -14.35 -9.05 -10.71
CA MET A 483 -14.09 -7.69 -10.21
C MET A 483 -15.37 -7.06 -9.69
N GLY A 484 -15.20 -5.95 -8.97
CA GLY A 484 -16.32 -5.07 -8.72
C GLY A 484 -17.11 -5.46 -7.47
N PHE A 485 -18.26 -4.80 -7.33
CA PHE A 485 -19.12 -5.03 -6.19
C PHE A 485 -20.51 -4.59 -6.57
N PRO A 486 -21.53 -5.04 -5.80
CA PRO A 486 -22.89 -4.65 -6.14
C PRO A 486 -23.31 -3.35 -5.47
N VAL A 487 -24.24 -2.66 -6.13
CA VAL A 487 -25.12 -1.73 -5.43
C VAL A 487 -26.42 -2.50 -5.12
N ILE A 488 -26.83 -2.44 -3.85
CA ILE A 488 -28.08 -3.03 -3.43
C ILE A 488 -29.10 -1.90 -3.36
N THR A 489 -30.16 -2.00 -4.16
CA THR A 489 -31.21 -0.96 -4.20
C THR A 489 -32.45 -1.44 -3.45
N VAL A 490 -32.91 -0.66 -2.46
CA VAL A 490 -34.04 -1.03 -1.63
C VAL A 490 -35.28 -0.21 -2.03
N ASP A 491 -36.42 -0.88 -2.20
CA ASP A 491 -37.69 -0.18 -2.34
C ASP A 491 -38.43 -0.38 -1.04
N THR A 492 -38.41 0.62 -0.17
CA THR A 492 -39.02 0.46 1.15
C THR A 492 -40.57 0.46 1.10
N SER A 493 -41.16 0.80 -0.04
CA SER A 493 -42.63 0.67 -0.20
C SER A 493 -43.06 -0.80 -0.16
N THR A 494 -42.27 -1.65 -0.81
CA THR A 494 -42.63 -3.05 -1.02
C THR A 494 -41.70 -4.02 -0.30
N GLY A 495 -40.57 -3.52 0.21
CA GLY A 495 -39.61 -4.40 0.86
C GLY A 495 -38.81 -5.20 -0.15
N THR A 496 -38.71 -4.70 -1.38
CA THR A 496 -37.88 -5.41 -2.38
C THR A 496 -36.43 -4.92 -2.39
N LEU A 497 -35.49 -5.83 -2.61
CA LEU A 497 -34.07 -5.52 -2.78
C LEU A 497 -33.67 -6.03 -4.15
N SER A 498 -32.76 -5.34 -4.79
CA SER A 498 -32.13 -5.91 -5.96
C SER A 498 -30.66 -5.49 -6.05
N GLN A 499 -29.86 -6.27 -6.78
CA GLN A 499 -28.44 -5.98 -6.89
C GLN A 499 -28.07 -5.84 -8.35
N GLU A 500 -27.11 -4.97 -8.63
CA GLU A 500 -26.43 -4.99 -9.93
C GLU A 500 -25.00 -4.57 -9.72
N HIS A 501 -24.12 -4.96 -10.65
CA HIS A 501 -22.72 -4.54 -10.65
C HIS A 501 -22.66 -3.00 -10.71
N PHE A 502 -22.00 -2.40 -9.73
CA PHE A 502 -21.92 -0.95 -9.66
C PHE A 502 -20.82 -0.42 -10.57
N LEU A 503 -21.21 0.40 -11.54
CA LEU A 503 -20.27 0.97 -12.49
C LEU A 503 -20.43 2.50 -12.43
N LEU A 504 -19.31 3.21 -12.24
CA LEU A 504 -19.31 4.69 -12.09
C LEU A 504 -19.80 5.31 -13.39
N ASP A 505 -19.40 4.71 -14.51
CA ASP A 505 -19.92 5.09 -15.83
C ASP A 505 -20.91 4.02 -16.28
N PRO A 506 -22.20 4.39 -16.48
CA PRO A 506 -23.15 3.44 -17.09
C PRO A 506 -22.75 3.02 -18.52
N ASP A 507 -22.13 3.94 -19.26
CA ASP A 507 -21.71 3.69 -20.65
C ASP A 507 -20.27 3.17 -20.79
N SER A 508 -19.76 2.49 -19.76
CA SER A 508 -18.43 1.87 -19.82
C SER A 508 -18.54 0.39 -20.15
N ASN A 509 -17.54 -0.14 -20.85
CA ASN A 509 -17.59 -1.50 -21.41
C ASN A 509 -16.87 -2.57 -20.58
N VAL A 510 -17.65 -3.37 -19.86
CA VAL A 510 -17.11 -4.53 -19.14
C VAL A 510 -16.74 -5.63 -20.16
N THR A 511 -15.44 -5.82 -20.36
CA THR A 511 -14.91 -6.79 -21.34
C THR A 511 -14.47 -8.11 -20.70
N ARG A 512 -14.02 -8.05 -19.44
CA ARG A 512 -13.68 -9.27 -18.69
C ARG A 512 -14.95 -10.05 -18.30
N PRO A 513 -15.16 -11.25 -18.89
CA PRO A 513 -16.36 -12.05 -18.56
C PRO A 513 -16.27 -12.63 -17.15
N SER A 514 -17.43 -12.85 -16.55
CA SER A 514 -17.50 -13.51 -15.26
C SER A 514 -18.37 -14.76 -15.38
N GLU A 515 -17.81 -15.91 -15.03
CA GLU A 515 -18.59 -17.14 -14.85
C GLU A 515 -19.63 -16.94 -13.74
N PHE A 516 -19.50 -15.85 -12.96
CA PHE A 516 -20.49 -15.57 -11.93
C PHE A 516 -21.53 -14.53 -12.30
N ASN A 517 -21.48 -14.03 -13.53
CA ASN A 517 -22.52 -13.15 -14.06
C ASN A 517 -22.61 -11.79 -13.35
N TYR A 518 -21.55 -11.40 -12.65
CA TYR A 518 -21.61 -10.20 -11.76
C TYR A 518 -22.89 -10.22 -10.91
N VAL A 519 -23.12 -11.38 -10.29
CA VAL A 519 -24.14 -11.56 -9.24
C VAL A 519 -23.39 -12.06 -7.99
N TRP A 520 -23.71 -11.48 -6.83
CA TRP A 520 -23.02 -11.83 -5.61
C TRP A 520 -23.98 -12.52 -4.63
N ILE A 521 -23.42 -13.24 -3.66
CA ILE A 521 -24.18 -13.68 -2.50
C ILE A 521 -23.79 -12.74 -1.36
N VAL A 522 -24.76 -11.99 -0.85
CA VAL A 522 -24.48 -10.79 -0.03
C VAL A 522 -25.09 -10.93 1.36
N PRO A 523 -24.25 -10.88 2.40
CA PRO A 523 -24.76 -10.84 3.76
C PRO A 523 -25.23 -9.41 4.05
N ILE A 524 -26.51 -9.28 4.41
CA ILE A 524 -27.09 -7.96 4.63
C ILE A 524 -27.51 -7.79 6.08
N THR A 525 -26.83 -6.87 6.76
CA THR A 525 -27.27 -6.39 8.07
C THR A 525 -28.09 -5.10 7.85
N SER A 526 -28.89 -4.73 8.84
CA SER A 526 -29.75 -3.54 8.68
C SER A 526 -30.19 -3.03 10.04
N ILE A 527 -30.59 -1.75 10.05
CA ILE A 527 -31.21 -1.12 11.20
C ILE A 527 -32.53 -0.46 10.80
N ARG A 528 -33.46 -0.41 11.74
CA ARG A 528 -34.74 0.24 11.52
C ARG A 528 -34.88 1.24 12.67
N ASP A 529 -34.95 2.53 12.31
CA ASP A 529 -34.98 3.59 13.31
C ASP A 529 -33.92 3.37 14.38
N GLY A 530 -32.72 2.96 13.94
CA GLY A 530 -31.60 2.79 14.85
C GLY A 530 -31.48 1.45 15.55
N ARG A 531 -32.48 0.58 15.43
CA ARG A 531 -32.44 -0.73 16.06
C ARG A 531 -32.03 -1.79 15.04
N GLN A 532 -31.01 -2.59 15.35
CA GLN A 532 -30.55 -3.64 14.42
C GLN A 532 -31.62 -4.72 14.22
N GLN A 533 -31.81 -5.14 12.97
CA GLN A 533 -32.78 -6.17 12.64
C GLN A 533 -32.09 -7.52 12.46
N GLN A 534 -32.89 -8.56 12.22
CA GLN A 534 -32.34 -9.87 11.85
C GLN A 534 -31.50 -9.72 10.57
N ASP A 535 -30.41 -10.48 10.47
CA ASP A 535 -29.58 -10.53 9.26
C ASP A 535 -30.35 -11.17 8.11
N TYR A 536 -29.91 -10.91 6.89
CA TYR A 536 -30.52 -11.47 5.68
C TYR A 536 -29.43 -11.83 4.66
N TRP A 537 -29.65 -12.87 3.86
CA TRP A 537 -28.74 -13.19 2.75
C TRP A 537 -29.46 -12.94 1.44
N LEU A 538 -28.94 -12.02 0.64
CA LEU A 538 -29.43 -11.82 -0.71
C LEU A 538 -28.64 -12.77 -1.62
N ILE A 539 -29.32 -13.76 -2.16
CA ILE A 539 -28.63 -14.78 -2.95
C ILE A 539 -28.86 -14.67 -4.45
N ASP A 540 -29.81 -13.82 -4.84
CA ASP A 540 -30.39 -13.70 -6.18
C ASP A 540 -30.24 -12.24 -6.57
N VAL A 541 -30.62 -11.91 -7.80
CA VAL A 541 -30.62 -10.53 -8.25
C VAL A 541 -31.70 -9.67 -7.58
N ARG A 542 -32.78 -10.30 -7.12
CA ARG A 542 -33.87 -9.55 -6.49
C ARG A 542 -34.56 -10.46 -5.49
N ALA A 543 -35.17 -9.86 -4.47
CA ALA A 543 -35.88 -10.61 -3.45
C ALA A 543 -36.86 -9.65 -2.76
N GLN A 544 -37.75 -10.20 -1.96
CA GLN A 544 -38.64 -9.37 -1.14
C GLN A 544 -38.58 -9.90 0.27
N ASN A 545 -38.53 -8.98 1.22
CA ASN A 545 -38.63 -9.34 2.62
C ASN A 545 -39.13 -8.16 3.44
N ASP A 546 -40.06 -8.42 4.37
CA ASP A 546 -40.63 -7.34 5.19
C ASP A 546 -39.60 -6.61 6.05
N LEU A 547 -38.42 -7.20 6.24
CA LEU A 547 -37.28 -6.50 6.87
C LEU A 547 -37.02 -5.15 6.20
N PHE A 548 -37.32 -5.06 4.90
CA PHE A 548 -36.94 -3.91 4.09
C PHE A 548 -38.12 -3.05 3.72
N SER A 549 -39.28 -3.38 4.29
CA SER A 549 -40.48 -2.59 4.08
C SER A 549 -40.69 -1.63 5.27
N THR A 550 -41.07 -0.39 4.97
CA THR A 550 -41.39 0.59 6.01
C THR A 550 -42.77 1.19 5.77
N SER A 551 -43.36 1.71 6.84
CA SER A 551 -44.60 2.48 6.73
C SER A 551 -44.57 3.60 7.78
N GLY A 552 -45.28 4.69 7.49
CA GLY A 552 -45.31 5.84 8.40
C GLY A 552 -43.96 6.53 8.44
N ASN A 553 -43.48 6.82 9.65
CA ASN A 553 -42.22 7.59 9.80
C ASN A 553 -40.92 6.78 9.77
N GLU A 554 -41.04 5.47 9.74
CA GLU A 554 -39.89 4.57 9.88
C GLU A 554 -38.89 4.74 8.76
N TRP A 555 -37.59 4.65 9.07
CA TRP A 555 -36.56 4.49 8.03
C TRP A 555 -35.76 3.21 8.28
N VAL A 556 -35.15 2.68 7.22
CA VAL A 556 -34.21 1.58 7.36
C VAL A 556 -32.91 1.97 6.67
N LEU A 557 -31.80 1.42 7.16
CA LEU A 557 -30.51 1.54 6.51
C LEU A 557 -29.91 0.15 6.46
N LEU A 558 -29.26 -0.18 5.36
CA LEU A 558 -28.57 -1.46 5.23
C LEU A 558 -27.06 -1.27 5.46
N ASN A 559 -26.41 -2.36 5.84
CA ASN A 559 -24.95 -2.43 5.96
C ASN A 559 -24.47 -1.66 7.19
N LEU A 560 -24.91 -2.13 8.36
CA LEU A 560 -24.53 -1.50 9.62
C LEU A 560 -23.02 -1.48 9.79
N ASN A 561 -22.47 -0.30 10.03
CA ASN A 561 -21.02 -0.12 10.16
C ASN A 561 -20.24 -0.55 8.93
N VAL A 562 -20.92 -0.61 7.78
CA VAL A 562 -20.30 -0.96 6.51
C VAL A 562 -19.34 -2.16 6.66
N THR A 563 -19.86 -3.26 7.19
CA THR A 563 -19.07 -4.50 7.26
C THR A 563 -19.00 -5.19 5.89
N GLY A 564 -20.02 -4.95 5.06
CA GLY A 564 -20.11 -5.63 3.76
C GLY A 564 -19.55 -4.77 2.65
N TYR A 565 -18.94 -5.42 1.65
CA TYR A 565 -18.34 -4.75 0.49
C TYR A 565 -19.38 -4.42 -0.60
N TYR A 566 -20.29 -3.49 -0.28
CA TYR A 566 -21.34 -3.12 -1.21
C TYR A 566 -21.87 -1.74 -0.91
N ARG A 567 -22.42 -1.09 -1.93
CA ARG A 567 -23.07 0.22 -1.76
C ARG A 567 -24.57 0.04 -1.68
N VAL A 568 -25.28 1.00 -1.09
CA VAL A 568 -26.74 0.89 -0.93
C VAL A 568 -27.46 2.10 -1.48
N ASN A 569 -28.49 1.84 -2.29
CA ASN A 569 -29.42 2.87 -2.71
C ASN A 569 -30.81 2.59 -2.17
N TYR A 570 -31.62 3.65 -2.04
CA TYR A 570 -33.00 3.52 -1.57
C TYR A 570 -33.92 4.28 -2.49
N ASP A 571 -35.21 4.00 -2.35
CA ASP A 571 -36.23 4.83 -2.96
C ASP A 571 -36.12 6.26 -2.37
N GLU A 572 -36.60 7.25 -3.11
CA GLU A 572 -36.35 8.63 -2.69
C GLU A 572 -37.08 8.99 -1.40
N GLU A 573 -38.18 8.30 -1.10
CA GLU A 573 -38.87 8.56 0.15
C GLU A 573 -38.02 8.16 1.37
N ASN A 574 -37.41 6.98 1.33
CA ASN A 574 -36.52 6.58 2.43
C ASN A 574 -35.32 7.52 2.54
N TRP A 575 -34.76 7.96 1.42
CA TRP A 575 -33.67 8.93 1.48
C TRP A 575 -34.13 10.21 2.21
N ARG A 576 -35.34 10.66 1.90
CA ARG A 576 -35.86 11.89 2.53
C ARG A 576 -36.03 11.71 4.04
N LYS A 577 -36.45 10.51 4.48
CA LYS A 577 -36.56 10.19 5.92
CA LYS A 577 -36.56 10.23 5.91
C LYS A 577 -35.19 10.18 6.57
N ILE A 578 -34.20 9.64 5.86
CA ILE A 578 -32.80 9.66 6.33
CA ILE A 578 -32.81 9.67 6.33
C ILE A 578 -32.33 11.12 6.48
N GLN A 579 -32.60 11.95 5.47
CA GLN A 579 -32.20 13.37 5.53
C GLN A 579 -32.93 14.10 6.66
N THR A 580 -34.19 13.77 6.87
CA THR A 580 -34.94 14.31 8.02
C THR A 580 -34.29 13.89 9.34
N GLN A 581 -33.89 12.62 9.45
CA GLN A 581 -33.20 12.14 10.65
C GLN A 581 -31.90 12.90 10.89
N LEU A 582 -31.16 13.16 9.82
CA LEU A 582 -29.89 13.87 9.95
C LEU A 582 -30.14 15.30 10.45
N GLN A 583 -31.26 15.91 10.03
CA GLN A 583 -31.62 17.25 10.54
C GLN A 583 -32.14 17.23 11.99
N ARG A 584 -32.93 16.22 12.34
CA ARG A 584 -33.52 16.11 13.68
C ARG A 584 -32.50 15.73 14.76
N ASP A 585 -31.78 14.62 14.54
CA ASP A 585 -30.79 14.17 15.48
C ASP A 585 -29.85 13.21 14.74
N HIS A 586 -28.75 13.74 14.20
CA HIS A 586 -27.85 12.91 13.36
C HIS A 586 -27.21 11.78 14.16
N SER A 587 -27.11 11.97 15.47
CA SER A 587 -26.54 10.95 16.35
C SER A 587 -27.37 9.66 16.43
N ALA A 588 -28.62 9.69 15.98
CA ALA A 588 -29.45 8.49 15.91
C ALA A 588 -28.95 7.45 14.87
N ILE A 589 -28.11 7.90 13.96
CA ILE A 589 -27.51 7.03 12.93
C ILE A 589 -26.05 6.79 13.32
N PRO A 590 -25.61 5.51 13.34
CA PRO A 590 -24.23 5.16 13.73
C PRO A 590 -23.24 5.98 12.91
N VAL A 591 -22.17 6.45 13.54
CA VAL A 591 -21.19 7.33 12.87
C VAL A 591 -20.68 6.76 11.53
N ILE A 592 -20.36 5.47 11.47
CA ILE A 592 -19.85 4.88 10.22
C ILE A 592 -20.95 4.96 9.15
N ASN A 593 -22.20 4.79 9.56
CA ASN A 593 -23.29 4.92 8.60
C ASN A 593 -23.59 6.35 8.16
N ARG A 594 -23.25 7.34 8.97
N ARG A 594 -23.27 7.35 8.97
CA ARG A 594 -23.28 8.73 8.49
CA ARG A 594 -23.28 8.74 8.47
C ARG A 594 -22.25 8.92 7.34
C ARG A 594 -22.25 8.92 7.33
N ALA A 595 -21.05 8.36 7.52
CA ALA A 595 -20.03 8.35 6.44
C ALA A 595 -20.56 7.62 5.20
N GLN A 596 -21.18 6.46 5.42
CA GLN A 596 -21.78 5.66 4.33
C GLN A 596 -22.81 6.44 3.51
N ILE A 597 -23.76 7.06 4.20
CA ILE A 597 -24.81 7.82 3.51
C ILE A 597 -24.21 8.88 2.58
N ILE A 598 -23.19 9.57 3.08
CA ILE A 598 -22.52 10.59 2.27
C ILE A 598 -21.77 9.97 1.09
N ASN A 599 -20.89 9.03 1.41
CA ASN A 599 -20.02 8.46 0.37
C ASN A 599 -20.84 7.70 -0.69
N ASP A 600 -21.74 6.82 -0.25
CA ASP A 600 -22.64 6.11 -1.20
C ASP A 600 -23.40 7.08 -2.10
N ALA A 601 -24.05 8.10 -1.51
CA ALA A 601 -24.85 8.97 -2.38
C ALA A 601 -24.01 9.70 -3.44
N PHE A 602 -22.83 10.19 -3.09
CA PHE A 602 -21.95 10.84 -4.10
C PHE A 602 -21.58 9.88 -5.24
N ASN A 603 -21.26 8.65 -4.90
CA ASN A 603 -20.91 7.66 -5.92
C ASN A 603 -22.10 7.24 -6.77
N LEU A 604 -23.24 7.04 -6.10
CA LEU A 604 -24.49 6.81 -6.80
C LEU A 604 -24.83 7.92 -7.78
N ALA A 605 -24.58 9.16 -7.36
CA ALA A 605 -24.83 10.33 -8.24
C ALA A 605 -23.96 10.25 -9.51
N SER A 606 -22.66 9.98 -9.34
CA SER A 606 -21.71 9.81 -10.47
C SER A 606 -22.23 8.74 -11.43
N ALA A 607 -22.77 7.67 -10.86
CA ALA A 607 -23.34 6.56 -11.64
C ALA A 607 -24.73 6.82 -12.20
N HIS A 608 -25.25 8.03 -12.00
CA HIS A 608 -26.60 8.38 -12.45
C HIS A 608 -27.71 7.55 -11.80
N LYS A 609 -27.51 7.14 -10.54
CA LYS A 609 -28.52 6.36 -9.84
C LYS A 609 -29.34 7.20 -8.84
N VAL A 610 -28.78 8.35 -8.44
CA VAL A 610 -29.54 9.38 -7.69
C VAL A 610 -29.19 10.73 -8.29
N PRO A 611 -30.10 11.71 -8.11
CA PRO A 611 -29.73 13.07 -8.55
C PRO A 611 -28.55 13.61 -7.74
N VAL A 612 -27.66 14.38 -8.37
CA VAL A 612 -26.52 14.94 -7.64
C VAL A 612 -26.96 15.81 -6.44
N THR A 613 -28.14 16.42 -6.52
CA THR A 613 -28.59 17.28 -5.40
C THR A 613 -28.94 16.45 -4.16
N LEU A 614 -29.25 15.17 -4.36
CA LEU A 614 -29.51 14.29 -3.23
C LEU A 614 -28.20 14.09 -2.44
N ALA A 615 -27.10 13.82 -3.15
CA ALA A 615 -25.81 13.65 -2.53
C ALA A 615 -25.34 14.95 -1.86
N LEU A 616 -25.53 16.08 -2.54
CA LEU A 616 -25.18 17.36 -1.91
C LEU A 616 -26.05 17.65 -0.67
N ASN A 617 -27.35 17.38 -0.77
CA ASN A 617 -28.24 17.52 0.39
C ASN A 617 -27.79 16.69 1.60
N ASN A 618 -27.21 15.51 1.35
CA ASN A 618 -26.66 14.72 2.45
C ASN A 618 -25.48 15.35 3.18
N THR A 619 -24.87 16.41 2.65
CA THR A 619 -23.81 17.09 3.38
C THR A 619 -24.30 18.24 4.26
N LEU A 620 -25.58 18.59 4.14
CA LEU A 620 -26.08 19.78 4.86
C LEU A 620 -25.88 19.68 6.38
N PHE A 621 -26.08 18.47 6.92
CA PHE A 621 -26.01 18.28 8.39
C PHE A 621 -24.60 18.44 8.94
N LEU A 622 -23.59 18.42 8.07
CA LEU A 622 -22.19 18.49 8.51
C LEU A 622 -21.87 19.76 9.30
N ILE A 623 -22.69 20.79 9.09
CA ILE A 623 -22.52 22.05 9.83
C ILE A 623 -22.56 21.84 11.36
N GLU A 624 -23.18 20.76 11.80
CA GLU A 624 -23.20 20.47 13.23
C GLU A 624 -22.60 19.10 13.52
N GLU A 625 -21.89 18.52 12.55
CA GLU A 625 -21.18 17.24 12.78
C GLU A 625 -19.81 17.51 13.37
N ARG A 626 -19.49 16.87 14.50
CA ARG A 626 -18.16 17.01 15.10
C ARG A 626 -17.26 15.78 14.92
N GLN A 627 -17.84 14.66 14.49
CA GLN A 627 -17.04 13.43 14.33
C GLN A 627 -16.13 13.48 13.11
N TYR A 628 -14.94 12.89 13.28
CA TYR A 628 -13.97 12.79 12.21
C TYR A 628 -14.56 12.13 10.95
N MET A 629 -15.13 10.94 11.11
CA MET A 629 -15.37 10.09 9.92
C MET A 629 -16.34 10.64 8.88
N PRO A 630 -17.52 11.14 9.29
CA PRO A 630 -18.45 11.64 8.26
C PRO A 630 -17.86 12.83 7.50
N TRP A 631 -17.13 13.70 8.21
CA TRP A 631 -16.45 14.80 7.55
C TRP A 631 -15.40 14.30 6.56
N GLU A 632 -14.58 13.36 7.00
CA GLU A 632 -13.55 12.80 6.12
C GLU A 632 -14.16 12.14 4.88
N ALA A 633 -15.27 11.41 5.06
CA ALA A 633 -15.96 10.77 3.92
C ALA A 633 -16.50 11.81 2.93
N ALA A 634 -17.04 12.89 3.47
CA ALA A 634 -17.52 14.01 2.64
C ALA A 634 -16.36 14.68 1.90
N LEU A 635 -15.27 14.98 2.60
CA LEU A 635 -14.14 15.65 1.97
C LEU A 635 -13.53 14.77 0.86
N SER A 636 -13.48 13.47 1.11
N SER A 636 -13.46 13.47 1.12
CA SER A 636 -13.01 12.51 0.11
CA SER A 636 -13.00 12.50 0.11
C SER A 636 -13.88 12.41 -1.15
C SER A 636 -13.87 12.46 -1.14
N SER A 637 -15.19 12.41 -0.96
CA SER A 637 -16.11 12.45 -2.09
C SER A 637 -16.07 13.79 -2.82
N LEU A 638 -16.04 14.88 -2.06
CA LEU A 638 -15.93 16.23 -2.65
C LEU A 638 -14.57 16.52 -3.30
N SER A 639 -13.55 15.73 -2.97
CA SER A 639 -12.27 15.77 -3.72
C SER A 639 -12.53 15.65 -5.19
N TYR A 640 -13.45 14.76 -5.57
CA TYR A 640 -13.80 14.60 -6.99
C TYR A 640 -14.36 15.89 -7.60
N PHE A 641 -15.22 16.57 -6.83
CA PHE A 641 -15.81 17.83 -7.25
C PHE A 641 -14.73 18.88 -7.43
N LYS A 642 -13.75 18.91 -6.51
CA LYS A 642 -12.63 19.83 -6.62
C LYS A 642 -11.84 19.53 -7.90
N LEU A 643 -11.54 18.26 -8.15
CA LEU A 643 -10.80 17.89 -9.37
C LEU A 643 -11.57 18.26 -10.63
N MET A 644 -12.89 18.11 -10.59
CA MET A 644 -13.70 18.43 -11.76
C MET A 644 -13.89 19.93 -11.97
N PHE A 645 -13.93 20.69 -10.86
CA PHE A 645 -14.40 22.09 -10.90
C PHE A 645 -13.41 23.19 -10.51
N ASP A 646 -12.21 22.84 -10.03
CA ASP A 646 -11.32 23.89 -9.51
C ASP A 646 -10.62 24.76 -10.58
N ARG A 647 -10.99 24.52 -11.84
CA ARG A 647 -10.63 25.41 -12.95
C ARG A 647 -11.88 25.93 -13.65
N SER A 648 -12.93 26.18 -12.88
CA SER A 648 -14.21 26.55 -13.43
C SER A 648 -15.00 27.51 -12.54
N GLU A 649 -16.03 28.12 -13.13
CA GLU A 649 -16.95 29.02 -12.40
C GLU A 649 -17.59 28.37 -11.18
N VAL A 650 -17.60 27.03 -11.14
CA VAL A 650 -18.26 26.32 -10.02
C VAL A 650 -17.46 26.43 -8.72
N TYR A 651 -16.16 26.70 -8.84
CA TYR A 651 -15.27 26.61 -7.70
C TYR A 651 -15.52 27.64 -6.59
N GLY A 652 -15.81 28.89 -6.98
CA GLY A 652 -16.16 29.91 -5.97
C GLY A 652 -17.29 29.47 -5.04
N PRO A 653 -18.46 29.19 -5.62
CA PRO A 653 -19.60 28.71 -4.85
C PRO A 653 -19.28 27.44 -4.06
N MET A 654 -18.52 26.48 -4.64
CA MET A 654 -18.08 25.31 -3.87
C MET A 654 -17.29 25.69 -2.61
N LYS A 655 -16.28 26.54 -2.77
CA LYS A 655 -15.50 27.01 -1.63
C LYS A 655 -16.40 27.76 -0.64
N ASN A 656 -17.31 28.59 -1.16
CA ASN A 656 -18.24 29.32 -0.28
C ASN A 656 -19.09 28.37 0.58
N TYR A 657 -19.58 27.30 -0.04
CA TYR A 657 -20.34 26.26 0.66
C TYR A 657 -19.49 25.58 1.76
N LEU A 658 -18.27 25.11 1.42
CA LEU A 658 -17.43 24.46 2.44
C LEU A 658 -17.06 25.39 3.60
N LYS A 659 -16.82 26.66 3.27
CA LYS A 659 -16.56 27.69 4.26
C LYS A 659 -17.73 27.77 5.28
N LYS A 660 -18.94 27.84 4.73
CA LYS A 660 -20.14 27.92 5.56
C LYS A 660 -20.23 26.66 6.44
N GLN A 661 -20.06 25.49 5.82
CA GLN A 661 -20.27 24.22 6.54
C GLN A 661 -19.26 23.99 7.65
N VAL A 662 -18.02 24.47 7.47
CA VAL A 662 -16.95 24.14 8.43
C VAL A 662 -16.74 25.22 9.50
N THR A 663 -17.31 26.40 9.29
CA THR A 663 -16.98 27.52 10.20
C THR A 663 -17.35 27.23 11.65
N PRO A 664 -18.58 26.73 11.92
CA PRO A 664 -18.89 26.45 13.33
C PRO A 664 -17.93 25.42 13.96
N LEU A 665 -17.59 24.37 13.22
CA LEU A 665 -16.62 23.37 13.71
C LEU A 665 -15.25 23.99 14.02
N PHE A 666 -14.76 24.84 13.12
CA PHE A 666 -13.49 25.54 13.31
C PHE A 666 -13.55 26.39 14.59
N ILE A 667 -14.63 27.14 14.76
CA ILE A 667 -14.83 27.97 15.94
C ILE A 667 -14.94 27.13 17.22
N HIS A 668 -15.60 25.97 17.13
CA HIS A 668 -15.67 25.01 18.25
C HIS A 668 -14.29 24.58 18.69
N PHE A 669 -13.46 24.17 17.73
CA PHE A 669 -12.10 23.78 18.05
C PHE A 669 -11.25 24.93 18.57
N ARG A 670 -11.40 26.13 17.99
CA ARG A 670 -10.67 27.31 18.47
C ARG A 670 -10.94 27.50 19.97
N ASN A 671 -12.21 27.42 20.35
CA ASN A 671 -12.63 27.53 21.76
C ASN A 671 -12.22 26.35 22.66
N ASN A 672 -12.48 25.13 22.21
CA ASN A 672 -12.22 23.92 22.96
C ASN A 672 -10.73 23.65 23.22
N THR A 673 -9.85 24.15 22.36
CA THR A 673 -8.43 23.90 22.50
C THR A 673 -7.79 25.06 23.24
N ASN A 674 -8.63 25.94 23.79
CA ASN A 674 -8.16 27.17 24.44
C ASN A 674 -7.20 27.91 23.50
N ASN A 675 -7.76 28.34 22.38
CA ASN A 675 -7.02 28.96 21.29
C ASN A 675 -5.76 28.25 20.83
N TRP A 676 -5.93 26.97 20.44
CA TRP A 676 -4.88 26.12 19.83
C TRP A 676 -3.72 25.79 20.79
N ARG A 677 -3.91 26.00 22.09
CA ARG A 677 -2.89 25.68 23.09
C ARG A 677 -2.86 24.18 23.37
N GLU A 678 -4.02 23.54 23.31
CA GLU A 678 -4.13 22.10 23.60
C GLU A 678 -4.63 21.31 22.39
N ILE A 679 -4.47 20.00 22.44
CA ILE A 679 -5.10 19.12 21.45
C ILE A 679 -6.10 18.23 22.16
N PRO A 680 -7.15 17.77 21.44
CA PRO A 680 -8.16 16.89 22.05
C PRO A 680 -7.55 15.59 22.58
N GLU A 681 -8.20 15.00 23.56
CA GLU A 681 -7.71 13.76 24.18
C GLU A 681 -7.88 12.58 23.23
N ASN A 682 -9.05 12.47 22.63
CA ASN A 682 -9.43 11.36 21.77
C ASN A 682 -8.78 11.47 20.38
N LEU A 683 -8.23 10.36 19.89
CA LEU A 683 -7.55 10.36 18.59
C LEU A 683 -8.43 10.86 17.44
N MET A 684 -9.67 10.37 17.38
CA MET A 684 -10.55 10.74 16.26
C MET A 684 -10.87 12.23 16.34
N ASP A 685 -11.02 12.74 17.56
CA ASP A 685 -11.21 14.19 17.74
C ASP A 685 -9.98 15.00 17.32
N GLN A 686 -8.78 14.46 17.56
CA GLN A 686 -7.56 15.11 17.04
C GLN A 686 -7.60 15.20 15.53
N TYR A 687 -7.99 14.12 14.88
CA TYR A 687 -8.11 14.09 13.41
C TYR A 687 -9.22 15.03 12.91
N SER A 688 -10.34 15.07 13.63
CA SER A 688 -11.42 16.00 13.30
C SER A 688 -10.93 17.44 13.33
N GLU A 689 -10.12 17.76 14.35
CA GLU A 689 -9.56 19.11 14.50
C GLU A 689 -8.68 19.47 13.30
N VAL A 690 -7.80 18.57 12.91
CA VAL A 690 -6.92 18.83 11.78
C VAL A 690 -7.73 19.04 10.49
N ASN A 691 -8.74 18.21 10.27
CA ASN A 691 -9.59 18.39 9.09
C ASN A 691 -10.36 19.71 9.12
N ALA A 692 -10.83 20.13 10.30
CA ALA A 692 -11.52 21.43 10.40
C ALA A 692 -10.60 22.60 10.02
N ILE A 693 -9.35 22.55 10.48
CA ILE A 693 -8.37 23.58 10.15
C ILE A 693 -8.05 23.56 8.65
N SER A 694 -7.73 22.37 8.12
N SER A 694 -7.72 22.37 8.12
CA SER A 694 -7.41 22.22 6.70
CA SER A 694 -7.42 22.21 6.68
C SER A 694 -8.53 22.74 5.79
C SER A 694 -8.53 22.75 5.80
N THR A 695 -9.76 22.32 6.11
CA THR A 695 -10.94 22.70 5.33
C THR A 695 -11.24 24.18 5.48
N ALA A 696 -11.18 24.71 6.70
CA ALA A 696 -11.40 26.14 6.93
C ALA A 696 -10.43 27.02 6.11
N CYS A 697 -9.15 26.66 6.14
CA CYS A 697 -8.13 27.46 5.48
C CYS A 697 -8.19 27.34 3.95
N SER A 698 -8.37 26.11 3.43
CA SER A 698 -8.48 25.86 1.97
C SER A 698 -9.63 26.62 1.36
N ASN A 699 -10.68 26.82 2.14
CA ASN A 699 -11.90 27.42 1.58
C ASN A 699 -12.15 28.86 2.00
N GLY A 700 -11.16 29.46 2.66
CA GLY A 700 -11.17 30.90 2.87
C GLY A 700 -11.79 31.44 4.15
N VAL A 701 -11.85 30.64 5.22
CA VAL A 701 -12.29 31.16 6.52
C VAL A 701 -11.22 32.13 7.02
N PRO A 702 -11.55 33.45 7.15
CA PRO A 702 -10.46 34.41 7.47
C PRO A 702 -9.76 34.18 8.82
N GLU A 703 -10.48 33.71 9.84
CA GLU A 703 -9.83 33.42 11.12
C GLU A 703 -8.78 32.30 10.97
N CYS A 704 -9.01 31.39 10.02
CA CYS A 704 -8.04 30.31 9.79
C CYS A 704 -6.80 30.84 9.08
N GLU A 705 -6.99 31.62 8.01
CA GLU A 705 -5.87 32.19 7.28
C GLU A 705 -4.96 33.00 8.21
N GLU A 706 -5.57 33.81 9.08
CA GLU A 706 -4.84 34.64 10.04
C GLU A 706 -4.07 33.78 11.04
N MET A 707 -4.75 32.76 11.56
CA MET A 707 -4.11 31.84 12.48
C MET A 707 -2.85 31.18 11.92
N VAL A 708 -2.93 30.61 10.71
CA VAL A 708 -1.79 29.82 10.20
C VAL A 708 -0.64 30.75 9.81
N SER A 709 -0.97 31.89 9.19
CA SER A 709 0.08 32.80 8.78
C SER A 709 0.78 33.40 10.02
N GLY A 710 0.00 33.69 11.06
CA GLY A 710 0.54 34.16 12.34
C GLY A 710 1.52 33.17 12.99
N LEU A 711 1.13 31.90 13.03
CA LEU A 711 1.97 30.87 13.65
C LEU A 711 3.26 30.65 12.87
N PHE A 712 3.13 30.60 11.55
CA PHE A 712 4.30 30.42 10.70
C PHE A 712 5.28 31.61 10.81
N LYS A 713 4.72 32.81 10.87
CA LYS A 713 5.55 34.01 11.07
C LYS A 713 6.30 33.94 12.40
N GLN A 714 5.60 33.50 13.44
CA GLN A 714 6.21 33.37 14.77
C GLN A 714 7.35 32.34 14.76
N TRP A 715 7.14 31.24 14.03
CA TRP A 715 8.24 30.29 13.80
C TRP A 715 9.42 30.91 13.06
N MET A 716 9.18 31.61 11.96
CA MET A 716 10.28 32.25 11.22
C MET A 716 11.12 33.19 12.10
N GLU A 717 10.46 33.87 13.02
CA GLU A 717 11.12 34.78 13.97
C GLU A 717 11.89 34.03 15.08
N ASN A 718 11.61 32.73 15.24
CA ASN A 718 12.22 31.92 16.29
C ASN A 718 12.47 30.51 15.77
N PRO A 719 13.34 30.36 14.73
CA PRO A 719 13.44 29.08 14.01
C PRO A 719 13.66 27.87 14.91
N ASN A 720 14.45 28.00 15.97
CA ASN A 720 14.71 26.86 16.83
C ASN A 720 13.68 26.61 17.92
N ASN A 721 12.66 27.46 17.99
CA ASN A 721 11.54 27.24 18.90
C ASN A 721 10.19 27.21 18.20
N ASN A 722 9.97 26.12 17.47
CA ASN A 722 8.76 25.94 16.70
C ASN A 722 7.51 25.98 17.60
N PRO A 723 6.64 26.98 17.41
CA PRO A 723 5.44 27.10 18.23
C PRO A 723 4.23 26.29 17.74
N ILE A 724 4.40 25.49 16.68
CA ILE A 724 3.25 24.79 16.08
C ILE A 724 3.22 23.35 16.58
N HIS A 725 2.13 22.97 17.23
CA HIS A 725 1.99 21.57 17.69
C HIS A 725 2.17 20.63 16.48
N PRO A 726 2.91 19.51 16.67
CA PRO A 726 3.13 18.52 15.60
C PRO A 726 1.88 18.12 14.80
N ASN A 727 0.72 17.95 15.47
CA ASN A 727 -0.53 17.59 14.76
C ASN A 727 -0.96 18.60 13.69
N LEU A 728 -0.63 19.87 13.94
CA LEU A 728 -1.03 21.00 13.11
C LEU A 728 0.01 21.36 12.03
N ARG A 729 1.21 20.81 12.12
CA ARG A 729 2.29 21.28 11.24
C ARG A 729 2.04 21.12 9.74
N SER A 730 1.54 19.96 9.30
CA SER A 730 1.31 19.78 7.87
C SER A 730 0.40 20.86 7.32
N THR A 731 -0.71 21.08 8.01
CA THR A 731 -1.69 22.01 7.50
C THR A 731 -1.26 23.47 7.67
N VAL A 732 -0.60 23.79 8.79
CA VAL A 732 -0.06 25.14 8.97
C VAL A 732 1.00 25.45 7.94
N TYR A 733 1.95 24.54 7.74
CA TYR A 733 3.01 24.77 6.76
C TYR A 733 2.43 24.98 5.35
N CYS A 734 1.52 24.10 4.94
CA CYS A 734 0.98 24.18 3.58
C CYS A 734 0.24 25.52 3.38
N ASN A 735 -0.65 25.84 4.31
CA ASN A 735 -1.48 27.04 4.16
C ASN A 735 -0.72 28.34 4.36
N ALA A 736 0.30 28.33 5.23
CA ALA A 736 1.19 29.50 5.35
C ALA A 736 2.01 29.76 4.08
N ILE A 737 2.50 28.69 3.46
CA ILE A 737 3.19 28.83 2.18
C ILE A 737 2.23 29.32 1.07
N ALA A 738 1.01 28.80 1.05
CA ALA A 738 0.02 29.19 0.02
C ALA A 738 -0.34 30.67 0.17
N GLN A 739 -0.49 31.13 1.42
CA GLN A 739 -0.85 32.53 1.72
C GLN A 739 0.32 33.48 1.58
N GLY A 740 1.53 32.93 1.65
CA GLY A 740 2.74 33.73 1.62
C GLY A 740 3.38 33.86 0.26
N GLY A 741 4.69 34.11 0.28
CA GLY A 741 5.45 34.31 -0.94
C GLY A 741 6.78 33.63 -0.85
N GLU A 742 7.73 34.17 -1.60
CA GLU A 742 9.05 33.61 -1.73
C GLU A 742 9.76 33.49 -0.38
N GLU A 743 9.53 34.42 0.52
CA GLU A 743 10.22 34.40 1.82
C GLU A 743 9.81 33.21 2.70
N GLU A 744 8.51 32.95 2.80
CA GLU A 744 7.99 31.75 3.48
C GLU A 744 8.50 30.46 2.81
N TRP A 745 8.49 30.43 1.48
CA TRP A 745 8.93 29.25 0.74
C TRP A 745 10.41 28.96 1.01
N ASP A 746 11.25 29.98 0.91
CA ASP A 746 12.68 29.81 1.10
C ASP A 746 13.00 29.38 2.52
N PHE A 747 12.26 29.91 3.50
CA PHE A 747 12.46 29.51 4.90
C PHE A 747 12.16 28.01 5.06
N ALA A 748 11.04 27.57 4.50
CA ALA A 748 10.64 26.16 4.61
C ALA A 748 11.61 25.23 3.85
N TRP A 749 12.11 25.67 2.69
CA TRP A 749 13.10 24.89 1.95
C TRP A 749 14.39 24.74 2.76
N GLU A 750 14.83 25.80 3.41
CA GLU A 750 16.05 25.68 4.22
C GLU A 750 15.82 24.75 5.42
N GLN A 751 14.63 24.84 6.03
CA GLN A 751 14.26 23.93 7.11
C GLN A 751 14.23 22.48 6.64
N PHE A 752 13.71 22.27 5.44
CA PHE A 752 13.70 20.93 4.83
C PHE A 752 15.14 20.40 4.64
N ARG A 753 16.02 21.21 4.02
CA ARG A 753 17.40 20.79 3.71
C ARG A 753 18.17 20.44 4.98
N ASN A 754 17.82 21.11 6.07
CA ASN A 754 18.53 20.97 7.33
C ASN A 754 17.83 20.01 8.30
N ALA A 755 16.73 19.38 7.87
CA ALA A 755 15.90 18.56 8.76
C ALA A 755 16.68 17.40 9.36
N THR A 756 16.47 17.11 10.62
CA THR A 756 17.09 15.92 11.20
C THR A 756 16.02 14.89 11.59
N LEU A 757 14.75 15.25 11.43
CA LEU A 757 13.64 14.32 11.72
C LEU A 757 12.89 14.02 10.43
N VAL A 758 12.76 12.73 10.06
CA VAL A 758 12.12 12.39 8.78
C VAL A 758 10.65 12.84 8.69
N ASN A 759 9.90 12.67 9.79
CA ASN A 759 8.51 13.18 9.87
C ASN A 759 8.47 14.68 9.61
N GLU A 760 9.45 15.43 10.12
CA GLU A 760 9.47 16.88 9.87
C GLU A 760 9.80 17.20 8.41
N ALA A 761 10.81 16.53 7.84
CA ALA A 761 11.15 16.71 6.42
C ALA A 761 9.95 16.44 5.51
N ASP A 762 9.22 15.36 5.81
CA ASP A 762 8.07 14.98 4.99
C ASP A 762 6.99 16.06 4.95
N LYS A 763 6.69 16.66 6.10
CA LYS A 763 5.64 17.70 6.20
C LYS A 763 6.05 18.94 5.39
N LEU A 764 7.33 19.31 5.52
CA LEU A 764 7.86 20.45 4.74
C LEU A 764 7.84 20.17 3.24
N ARG A 765 8.27 18.96 2.86
CA ARG A 765 8.31 18.56 1.45
C ARG A 765 6.92 18.65 0.78
N ALA A 766 5.87 18.18 1.46
CA ALA A 766 4.50 18.34 0.99
C ALA A 766 4.09 19.82 0.97
N ALA A 767 4.40 20.56 2.04
CA ALA A 767 3.99 21.96 2.16
C ALA A 767 4.53 22.86 1.03
N LEU A 768 5.76 22.58 0.61
CA LEU A 768 6.42 23.36 -0.42
C LEU A 768 5.67 23.31 -1.74
N ALA A 769 4.92 22.22 -1.96
CA ALA A 769 4.10 22.10 -3.15
C ALA A 769 2.83 22.96 -3.09
N CYS A 770 2.58 23.64 -1.98
CA CYS A 770 1.38 24.49 -1.83
C CYS A 770 1.52 25.92 -2.35
N SER A 771 2.68 26.26 -2.88
CA SER A 771 2.88 27.60 -3.43
C SER A 771 1.87 27.84 -4.54
N LYS A 772 1.29 29.03 -4.58
CA LYS A 772 0.42 29.41 -5.70
C LYS A 772 1.18 30.02 -6.90
N GLU A 773 2.50 30.16 -6.79
CA GLU A 773 3.28 30.83 -7.83
C GLU A 773 3.81 29.79 -8.81
N LEU A 774 3.43 29.91 -10.07
CA LEU A 774 3.90 28.95 -11.07
C LEU A 774 5.41 28.86 -11.14
N TRP A 775 6.11 29.99 -11.06
CA TRP A 775 7.57 29.93 -11.19
C TRP A 775 8.21 29.13 -10.04
N ILE A 776 7.62 29.25 -8.86
CA ILE A 776 8.10 28.51 -7.68
C ILE A 776 7.83 27.00 -7.82
N LEU A 777 6.66 26.64 -8.30
CA LEU A 777 6.38 25.22 -8.57
C LEU A 777 7.30 24.62 -9.63
N ASN A 778 7.61 25.40 -10.67
CA ASN A 778 8.57 24.94 -11.70
C ASN A 778 9.95 24.70 -11.11
N ARG A 779 10.44 25.66 -10.32
CA ARG A 779 11.73 25.50 -9.66
C ARG A 779 11.72 24.26 -8.75
N TYR A 780 10.64 24.09 -7.99
CA TYR A 780 10.51 22.93 -7.09
C TYR A 780 10.51 21.62 -7.87
N LEU A 781 9.79 21.59 -8.99
CA LEU A 781 9.83 20.40 -9.86
C LEU A 781 11.27 20.02 -10.24
N SER A 782 12.10 21.01 -10.56
CA SER A 782 13.48 20.72 -10.91
C SER A 782 14.23 20.13 -9.68
N TYR A 783 13.94 20.60 -8.46
CA TYR A 783 14.55 20.00 -7.26
C TYR A 783 14.19 18.52 -7.04
N THR A 784 12.93 18.15 -7.32
CA THR A 784 12.43 16.79 -7.04
C THR A 784 13.24 15.74 -7.79
N LEU A 785 13.85 16.19 -8.89
CA LEU A 785 14.59 15.33 -9.81
C LEU A 785 16.08 15.22 -9.48
N ASN A 786 16.52 16.00 -8.49
CA ASN A 786 17.93 16.07 -8.10
C ASN A 786 18.14 15.28 -6.82
N PRO A 787 18.79 14.09 -6.92
CA PRO A 787 18.92 13.19 -5.78
C PRO A 787 19.78 13.74 -4.66
N ASP A 788 20.51 14.82 -4.91
CA ASP A 788 21.24 15.51 -3.85
C ASP A 788 20.33 16.41 -3.04
N LEU A 789 19.15 16.70 -3.56
CA LEU A 789 18.22 17.62 -2.88
C LEU A 789 17.01 16.90 -2.31
N ILE A 790 16.36 16.09 -3.14
CA ILE A 790 15.27 15.23 -2.67
C ILE A 790 15.67 13.77 -2.94
N ARG A 791 15.63 12.95 -1.88
CA ARG A 791 15.97 11.51 -2.02
C ARG A 791 15.17 10.86 -3.15
N LYS A 792 15.84 10.00 -3.93
CA LYS A 792 15.18 9.31 -5.04
C LYS A 792 13.87 8.64 -4.60
N GLN A 793 13.85 8.07 -3.41
CA GLN A 793 12.65 7.41 -2.90
C GLN A 793 11.45 8.36 -2.77
N ASP A 794 11.72 9.67 -2.75
CA ASP A 794 10.67 10.68 -2.55
C ASP A 794 10.36 11.49 -3.80
N ALA A 795 11.02 11.17 -4.92
CA ALA A 795 10.87 12.01 -6.11
C ALA A 795 9.42 11.99 -6.57
N THR A 796 8.84 10.81 -6.79
CA THR A 796 7.49 10.79 -7.39
C THR A 796 6.40 11.24 -6.42
N SER A 797 6.56 10.94 -5.15
CA SER A 797 5.67 11.45 -4.09
C SER A 797 5.57 13.00 -4.15
N THR A 798 6.72 13.66 -4.31
CA THR A 798 6.75 15.12 -4.33
C THR A 798 6.16 15.66 -5.61
N ILE A 799 6.45 14.99 -6.73
CA ILE A 799 5.84 15.39 -8.00
C ILE A 799 4.30 15.30 -7.92
N ILE A 800 3.81 14.24 -7.28
CA ILE A 800 2.36 14.10 -7.08
C ILE A 800 1.81 15.27 -6.25
N SER A 801 2.52 15.66 -5.19
CA SER A 801 2.06 16.83 -4.40
C SER A 801 1.96 18.10 -5.25
N ILE A 802 2.91 18.29 -6.16
CA ILE A 802 2.86 19.44 -7.10
C ILE A 802 1.64 19.36 -8.04
N THR A 803 1.40 18.19 -8.63
CA THR A 803 0.27 18.08 -9.56
C THR A 803 -1.10 18.20 -8.88
N ASN A 804 -1.17 17.92 -7.58
CA ASN A 804 -2.42 18.07 -6.82
C ASN A 804 -2.82 19.55 -6.67
N ASN A 805 -1.82 20.43 -6.72
CA ASN A 805 -2.03 21.88 -6.68
C ASN A 805 -2.56 22.29 -8.04
N VAL A 806 -3.66 23.02 -8.07
CA VAL A 806 -4.30 23.39 -9.34
C VAL A 806 -3.33 24.09 -10.30
N ILE A 807 -2.42 24.90 -9.73
CA ILE A 807 -1.44 25.63 -10.52
C ILE A 807 -0.34 24.67 -11.05
N GLY A 808 -0.15 23.52 -10.39
CA GLY A 808 0.86 22.52 -10.80
C GLY A 808 0.34 21.53 -11.83
N GLN A 809 -0.97 21.56 -12.11
CA GLN A 809 -1.59 20.58 -13.01
C GLN A 809 -0.94 20.60 -14.42
N GLY A 810 -1.00 21.76 -15.07
CA GLY A 810 -0.46 21.89 -16.46
C GLY A 810 1.03 21.60 -16.46
N LEU A 811 1.73 22.20 -15.50
CA LEU A 811 3.16 21.99 -15.30
C LEU A 811 3.59 20.50 -15.32
N VAL A 812 2.96 19.71 -14.46
CA VAL A 812 3.38 18.33 -14.29
C VAL A 812 2.89 17.49 -15.47
N TRP A 813 1.66 17.72 -15.95
CA TRP A 813 1.19 16.94 -17.11
C TRP A 813 2.09 17.17 -18.34
N ASP A 814 2.43 18.44 -18.60
CA ASP A 814 3.28 18.73 -19.76
C ASP A 814 4.66 18.09 -19.55
N PHE A 815 5.16 18.15 -18.31
CA PHE A 815 6.44 17.53 -17.96
C PHE A 815 6.45 16.01 -18.20
N VAL A 816 5.38 15.34 -17.78
CA VAL A 816 5.26 13.89 -17.94
C VAL A 816 5.18 13.50 -19.42
N GLN A 817 4.37 14.23 -20.19
CA GLN A 817 4.28 14.00 -21.65
C GLN A 817 5.64 14.21 -22.32
N SER A 818 6.34 15.27 -21.91
CA SER A 818 7.62 15.62 -22.56
C SER A 818 8.78 14.74 -22.17
N ASN A 819 8.69 14.08 -21.02
CA ASN A 819 9.86 13.37 -20.51
C ASN A 819 9.63 11.90 -20.21
N TRP A 820 8.61 11.31 -20.84
CA TRP A 820 8.18 9.97 -20.45
C TRP A 820 9.32 8.95 -20.52
N LYS A 821 10.06 8.93 -21.62
CA LYS A 821 11.16 7.93 -21.76
C LYS A 821 12.14 7.96 -20.59
N LYS A 822 12.69 9.13 -20.29
CA LYS A 822 13.64 9.29 -19.19
C LYS A 822 13.02 9.03 -17.83
N LEU A 823 11.80 9.53 -17.64
CA LEU A 823 11.11 9.27 -16.38
C LEU A 823 10.90 7.79 -16.19
N PHE A 824 10.43 7.11 -17.22
CA PHE A 824 10.18 5.66 -17.14
C PHE A 824 11.44 4.89 -16.74
N ASN A 825 12.57 5.21 -17.38
CA ASN A 825 13.88 4.65 -16.97
C ASN A 825 14.22 4.82 -15.48
N ASP A 826 13.99 6.02 -14.94
CA ASP A 826 14.44 6.33 -13.58
C ASP A 826 13.48 5.97 -12.43
N TYR A 827 12.18 6.19 -12.61
CA TYR A 827 11.23 5.99 -11.50
C TYR A 827 10.01 5.11 -11.83
N GLY A 828 10.11 4.35 -12.93
CA GLY A 828 8.99 3.52 -13.40
C GLY A 828 9.15 2.01 -13.28
N GLY A 829 10.36 1.55 -12.96
CA GLY A 829 10.66 0.09 -12.85
C GLY A 829 11.47 -0.29 -11.63
N GLY A 830 11.75 -1.60 -11.51
CA GLY A 830 12.51 -2.14 -10.41
C GLY A 830 11.75 -2.05 -9.10
N SER A 831 12.30 -1.31 -8.13
CA SER A 831 11.60 -1.05 -6.86
C SER A 831 10.57 0.10 -6.98
N PHE A 832 10.56 0.79 -8.13
CA PHE A 832 9.74 2.00 -8.33
C PHE A 832 8.46 1.66 -9.08
N SER A 833 7.41 2.45 -8.86
CA SER A 833 6.21 2.37 -9.70
C SER A 833 5.70 3.77 -10.07
N PHE A 834 5.26 3.92 -11.33
CA PHE A 834 4.68 5.14 -11.88
C PHE A 834 3.16 5.15 -11.88
N SER A 835 2.58 4.09 -11.35
CA SER A 835 1.15 3.97 -11.26
C SER A 835 0.48 5.13 -10.51
N ASN A 836 0.99 5.46 -9.33
CA ASN A 836 0.46 6.58 -8.54
C ASN A 836 0.58 7.90 -9.31
N LEU A 837 1.68 8.10 -10.03
CA LEU A 837 1.87 9.34 -10.78
C LEU A 837 0.88 9.48 -11.93
N ILE A 838 0.67 8.39 -12.69
CA ILE A 838 -0.31 8.38 -13.78
C ILE A 838 -1.69 8.72 -13.22
N GLN A 839 -2.06 8.05 -12.14
CA GLN A 839 -3.35 8.30 -11.50
C GLN A 839 -3.48 9.79 -11.08
N ALA A 840 -2.46 10.32 -10.43
CA ALA A 840 -2.54 11.70 -9.91
C ALA A 840 -2.57 12.78 -10.99
N VAL A 841 -1.71 12.67 -11.99
CA VAL A 841 -1.64 13.69 -13.04
C VAL A 841 -2.90 13.71 -13.95
N THR A 842 -3.60 12.58 -14.04
CA THR A 842 -4.73 12.48 -14.95
C THR A 842 -6.08 12.69 -14.28
N ARG A 843 -6.12 12.70 -12.95
CA ARG A 843 -7.46 12.67 -12.33
C ARG A 843 -8.30 13.95 -12.49
N ARG A 844 -7.65 15.08 -12.82
CA ARG A 844 -8.43 16.29 -13.16
C ARG A 844 -9.05 16.28 -14.55
N PHE A 845 -8.63 15.36 -15.42
CA PHE A 845 -9.02 15.46 -16.85
C PHE A 845 -10.53 15.38 -17.00
N SER A 846 -11.13 16.35 -17.70
CA SER A 846 -12.58 16.38 -17.83
C SER A 846 -12.99 17.00 -19.16
N THR A 847 -12.04 17.10 -20.08
CA THR A 847 -12.25 17.75 -21.38
C THR A 847 -11.78 16.87 -22.52
N GLU A 848 -12.40 17.07 -23.68
CA GLU A 848 -11.96 16.37 -24.89
C GLU A 848 -10.50 16.69 -25.20
N TYR A 849 -10.10 17.94 -25.00
CA TYR A 849 -8.70 18.34 -25.21
C TYR A 849 -7.73 17.47 -24.38
N GLU A 850 -8.01 17.33 -23.08
CA GLU A 850 -7.15 16.51 -22.23
C GLU A 850 -7.21 15.02 -22.62
N LEU A 851 -8.40 14.54 -22.97
CA LEU A 851 -8.54 13.14 -23.41
C LEU A 851 -7.65 12.89 -24.63
N GLN A 852 -7.70 13.81 -25.59
CA GLN A 852 -6.86 13.66 -26.79
C GLN A 852 -5.37 13.65 -26.45
N GLN A 853 -4.94 14.50 -25.50
CA GLN A 853 -3.55 14.43 -25.04
C GLN A 853 -3.23 13.06 -24.43
N LEU A 854 -4.14 12.54 -23.63
CA LEU A 854 -3.91 11.25 -22.98
C LEU A 854 -3.85 10.11 -24.00
N GLU A 855 -4.74 10.15 -25.00
CA GLU A 855 -4.71 9.13 -26.03
C GLU A 855 -3.43 9.20 -26.84
N GLN A 856 -2.98 10.42 -27.12
CA GLN A 856 -1.74 10.63 -27.86
C GLN A 856 -0.53 10.19 -27.05
N PHE A 857 -0.55 10.46 -25.73
CA PHE A 857 0.49 10.01 -24.82
C PHE A 857 0.62 8.46 -24.86
N LYS A 858 -0.52 7.77 -24.87
CA LYS A 858 -0.52 6.29 -24.95
C LYS A 858 0.14 5.86 -26.27
N LYS A 859 -0.33 6.42 -27.38
CA LYS A 859 0.22 6.09 -28.73
C LYS A 859 1.70 6.38 -28.85
N ASP A 860 2.12 7.56 -28.39
CA ASP A 860 3.50 8.00 -28.50
C ASP A 860 4.46 7.13 -27.73
N ASN A 861 3.99 6.45 -26.69
CA ASN A 861 4.88 5.73 -25.80
C ASN A 861 4.61 4.25 -25.73
N GLU A 862 3.74 3.77 -26.62
CA GLU A 862 3.38 2.34 -26.71
C GLU A 862 4.60 1.40 -26.76
N GLU A 863 5.65 1.80 -27.47
CA GLU A 863 6.90 1.04 -27.58
C GLU A 863 7.75 1.04 -26.31
N THR A 864 8.00 2.20 -25.72
CA THR A 864 8.58 2.28 -24.37
C THR A 864 7.75 1.38 -23.43
N GLY A 865 6.42 1.33 -23.65
CA GLY A 865 5.51 0.60 -22.77
C GLY A 865 5.31 1.37 -21.47
N PHE A 866 4.36 0.91 -20.66
CA PHE A 866 4.03 1.61 -19.41
C PHE A 866 4.25 0.77 -18.19
N GLY A 867 4.78 -0.44 -18.39
CA GLY A 867 5.18 -1.33 -17.31
C GLY A 867 4.10 -1.48 -16.25
N SER A 868 4.46 -1.21 -15.00
CA SER A 868 3.53 -1.38 -13.89
C SER A 868 2.49 -0.25 -13.81
N GLY A 869 2.54 0.71 -14.74
CA GLY A 869 1.48 1.73 -14.83
C GLY A 869 0.49 1.47 -15.96
N THR A 870 0.53 0.29 -16.58
CA THR A 870 -0.32 -0.04 -17.73
C THR A 870 -1.80 0.03 -17.38
N ARG A 871 -2.20 -0.63 -16.30
N ARG A 871 -2.18 -0.64 -16.29
CA ARG A 871 -3.60 -0.63 -15.92
CA ARG A 871 -3.57 -0.65 -15.85
C ARG A 871 -4.05 0.77 -15.46
C ARG A 871 -4.01 0.76 -15.49
N ALA A 872 -3.16 1.51 -14.80
CA ALA A 872 -3.50 2.89 -14.38
C ALA A 872 -3.81 3.79 -15.57
N LEU A 873 -3.10 3.60 -16.69
CA LEU A 873 -3.39 4.33 -17.90
C LEU A 873 -4.75 3.94 -18.50
N GLU A 874 -5.06 2.64 -18.54
N GLU A 874 -5.03 2.64 -18.52
CA GLU A 874 -6.37 2.20 -19.03
CA GLU A 874 -6.34 2.13 -18.98
C GLU A 874 -7.49 2.79 -18.16
C GLU A 874 -7.46 2.77 -18.16
N GLN A 875 -7.27 2.77 -16.85
CA GLN A 875 -8.25 3.36 -15.91
C GLN A 875 -8.38 4.88 -16.11
N ALA A 876 -7.26 5.56 -16.39
CA ALA A 876 -7.30 7.00 -16.63
C ALA A 876 -8.10 7.33 -17.89
N LEU A 877 -7.94 6.53 -18.95
CA LEU A 877 -8.73 6.73 -20.16
C LEU A 877 -10.21 6.55 -19.88
N GLU A 878 -10.57 5.49 -19.15
CA GLU A 878 -11.96 5.26 -18.80
C GLU A 878 -12.55 6.41 -17.96
N LYS A 879 -11.83 6.81 -16.90
CA LYS A 879 -12.31 7.87 -16.01
C LYS A 879 -12.45 9.19 -16.76
N THR A 880 -11.47 9.50 -17.61
CA THR A 880 -11.53 10.76 -18.36
C THR A 880 -12.78 10.83 -19.23
N LYS A 881 -13.05 9.74 -19.96
CA LYS A 881 -14.29 9.69 -20.75
C LYS A 881 -15.55 9.88 -19.89
N ALA A 882 -15.60 9.21 -18.74
CA ALA A 882 -16.72 9.36 -17.79
C ALA A 882 -16.80 10.83 -17.27
N ASN A 883 -15.63 11.41 -16.98
CA ASN A 883 -15.58 12.79 -16.44
C ASN A 883 -16.14 13.83 -17.42
N ILE A 884 -15.78 13.70 -18.70
CA ILE A 884 -16.29 14.65 -19.72
C ILE A 884 -17.83 14.65 -19.68
N LYS A 885 -18.41 13.47 -19.67
CA LYS A 885 -19.87 13.35 -19.66
C LYS A 885 -20.47 13.84 -18.34
N TRP A 886 -19.83 13.50 -17.24
CA TRP A 886 -20.34 13.90 -15.92
C TRP A 886 -20.37 15.44 -15.77
N VAL A 887 -19.28 16.11 -16.15
CA VAL A 887 -19.21 17.58 -16.10
C VAL A 887 -20.32 18.18 -16.97
N LYS A 888 -20.50 17.65 -18.19
CA LYS A 888 -21.56 18.18 -19.06
C LYS A 888 -22.92 18.06 -18.39
N GLU A 889 -23.20 16.90 -17.82
CA GLU A 889 -24.49 16.62 -17.18
C GLU A 889 -24.72 17.41 -15.88
N ASN A 890 -23.63 17.71 -15.16
CA ASN A 890 -23.78 18.20 -13.78
C ASN A 890 -23.37 19.64 -13.50
N LYS A 891 -22.66 20.28 -14.41
CA LYS A 891 -22.03 21.56 -14.04
C LYS A 891 -23.05 22.65 -13.68
N GLU A 892 -24.16 22.73 -14.40
CA GLU A 892 -25.15 23.78 -14.13
C GLU A 892 -25.90 23.51 -12.82
N VAL A 893 -26.35 22.28 -12.62
CA VAL A 893 -27.09 21.96 -11.39
C VAL A 893 -26.20 22.12 -10.15
N VAL A 894 -24.93 21.74 -10.28
CA VAL A 894 -23.99 21.85 -9.15
C VAL A 894 -23.67 23.31 -8.87
N LEU A 895 -23.45 24.12 -9.93
CA LEU A 895 -23.19 25.54 -9.71
C LEU A 895 -24.37 26.16 -8.91
N GLN A 896 -25.58 25.85 -9.36
CA GLN A 896 -26.81 26.39 -8.77
C GLN A 896 -26.95 25.91 -7.32
N TRP A 897 -26.70 24.62 -7.09
CA TRP A 897 -26.82 24.07 -5.73
C TRP A 897 -25.86 24.74 -4.77
N PHE A 898 -24.57 24.82 -5.12
CA PHE A 898 -23.59 25.44 -4.23
C PHE A 898 -23.95 26.92 -4.01
N THR A 899 -24.35 27.60 -5.07
CA THR A 899 -24.73 29.03 -4.96
C THR A 899 -25.93 29.17 -3.99
N GLU A 900 -26.97 28.35 -4.16
CA GLU A 900 -28.21 28.48 -3.37
C GLU A 900 -28.09 27.96 -1.93
N ASN A 901 -27.08 27.14 -1.64
CA ASN A 901 -26.94 26.54 -0.33
C ASN A 901 -25.79 27.06 0.50
N SER A 902 -25.03 28.03 -0.06
CA SER A 902 -23.83 28.53 0.64
C SER A 902 -24.07 29.84 1.37
N LYS A 903 -25.33 30.26 1.46
CA LYS A 903 -25.63 31.60 2.01
C LYS A 903 -26.27 31.62 3.40
#